data_7X9Y
#
_entry.id   7X9Y
#
loop_
_entity.id
_entity.type
_entity.pdbx_description
1 polymer 'Guanine nucleotide-binding protein G(i) subunit alpha-1'
2 polymer 'Guanine nucleotide-binding protein G(I)/G(S)/G(T) subunit beta-1'
3 polymer 'Guanine nucleotide-binding protein G(I)/G(S)/G(O) subunit gamma-2'
4 polymer 'C-C chemokine receptor type 3'
5 polymer scFv16
#
loop_
_entity_poly.entity_id
_entity_poly.type
_entity_poly.pdbx_seq_one_letter_code
_entity_poly.pdbx_strand_id
1 'polypeptide(L)'
;MGCTLSAEDKAAVERSKMIDRNLREDGEKAAREVKLLLLGAGESGKNTIVKQMKIIHEAGYSEEECKQYKAVVYSNTIQS
IIAIIRAMGRLKIDFGDSARADDARQLFVLAGAAEEGFMTAELAGVIKRLWKDSGVQACFNRSREYQLNDSAAYYLNDLD
RIAQPNYIPTQQDVLRTRVKTTGIVETHFTFKDLHFKMFDVGAQRSERKKWIHCFEGVTAIIFCVALSDYDLVLAEDEEM
NRMHASMKLFDSICNNKWFTDTSIILFLNKKDLFEEKIKKSPLTICYPEYAGSNTYEEAAAYIQCQFEDLNKRKDTKEIY
THFTCSTDTKNVQFVFDAVTDVIIKNNLKDCGLF
;
A
2 'polypeptide(L)'
;SELDQLRQEAEQLKNQIRDARKACADATLSQITNNIDPVGRIQMRTRRTLRGHLAKIYAMHWGTDSRLLVSASQDGKLII
WDSYTTNKVHAIPLRSSWVMTCAYAPSGNYVACGGLDNICSIYNLKTREGNVRVSRELAGHTGYLSCCRFLDDNQIVTSS
GDTTCALWDIETGQQTTTFTGHTGDVMSLSLAPDTRLFVSGACDASAKLWDVREGMCRQTFTGHESDINAICFFPNGNAF
ATGSDDATCRLFDLRADQELMTYSHDNIICGITSVSFSKSGRLLLAGYDDFNCNVWDALKADRAGVLAGHDNRVSCLGVT
DDGMAVATGSWDSFLKIWN
;
B
3 'polypeptide(L)' MASNNTASIAQARKLVEQLKMEANIDRIKVSKAAADLMAYCEAHAKEDPLLTPVPASENPFREKKFFCAIL G
4 'polypeptide(L)'
;MTTSLDTVETFGTTSYYDDVGLLCEKADTRALMAQFVPPLYSLVFTVGLLGNVVVVMILIKYRRLRIMTNIYLLNLAISD
LLFLVTLPFWIHYVRGHNWVFGHGMCKLLSGFYHTGLYSEIFFIILLTIDRYLAIVHAVFALRARTVTFGVITSIVTWGL
AVLAALPEFIFYETEELFEETLCSALYPEDTVYSWRHFHTLRMTIFCLVLPLLVMAICYTGIIKTLLRCPSKKKYKAIRL
IFVAMAVFFIFWTPYNVAILLSSYQSILFGNDCERSKHLDLVMLVTEVIAYSHCCMNPVIYAFVGERFRKYLRHFFHRHL
LMHLGRYIPFLPSEKLERTSSVSPSTAEPELSIVF
;
R
5 'polypeptide(L)'
;VQLVESGGGLVQPGGSRKLSCSASGFAFSSFGMHWVRQAPEKGLEWVAYISSGSGTIYYADTVKGRFTISRDDPKNTLFL
QMTSLRSEDTAMYYCVRSIYYYGSSPFDFWGQGTTLTVSAGGGGSGGGGSGGGGSSDIVMTQATSSVPVTPGESVSISCR
SSKSLLHSNGNTYLYWFLQRPGQSPQLLIYRMSNLASGVPDRFSGSGSGTAFTLTISRLEAEDVGVYYCMQHLEYPLTFG
AGTKLEL
;
S
#
# COMPACT_ATOMS: atom_id res chain seq x y z
N CYS A 3 -5.63 -19.10 7.87
CA CYS A 3 -5.76 -19.97 9.07
C CYS A 3 -5.25 -21.38 8.79
N THR A 4 -5.23 -22.22 9.82
CA THR A 4 -4.76 -23.60 9.67
C THR A 4 -5.86 -24.55 9.22
N LEU A 5 -7.10 -24.09 9.12
CA LEU A 5 -8.22 -24.92 8.68
C LEU A 5 -8.46 -24.83 7.18
N SER A 6 -7.64 -24.10 6.44
CA SER A 6 -7.83 -23.94 5.01
C SER A 6 -7.59 -25.27 4.30
N ALA A 7 -7.78 -25.26 2.98
CA ALA A 7 -7.62 -26.46 2.17
C ALA A 7 -6.14 -26.80 2.06
N GLU A 8 -5.83 -27.83 1.26
CA GLU A 8 -4.46 -28.26 1.09
C GLU A 8 -3.59 -27.18 0.45
N ASP A 9 -4.20 -26.25 -0.28
CA ASP A 9 -3.44 -25.22 -1.00
C ASP A 9 -2.97 -24.12 -0.05
N LYS A 10 -2.15 -24.52 0.93
CA LYS A 10 -1.49 -23.57 1.80
C LYS A 10 -0.24 -22.97 1.15
N ALA A 11 0.25 -23.58 0.08
CA ALA A 11 1.36 -22.98 -0.66
C ALA A 11 0.97 -21.63 -1.23
N ALA A 12 -0.31 -21.43 -1.52
CA ALA A 12 -0.78 -20.11 -1.95
C ALA A 12 -0.57 -19.09 -0.84
N VAL A 13 -0.89 -19.45 0.40
CA VAL A 13 -0.67 -18.54 1.53
C VAL A 13 0.82 -18.31 1.75
N GLU A 14 1.63 -19.35 1.56
CA GLU A 14 3.08 -19.18 1.67
C GLU A 14 3.59 -18.19 0.64
N ARG A 15 3.12 -18.31 -0.60
CA ARG A 15 3.53 -17.37 -1.65
C ARG A 15 3.04 -15.97 -1.33
N SER A 16 1.84 -15.85 -0.75
CA SER A 16 1.34 -14.54 -0.35
C SER A 16 2.24 -13.91 0.70
N LYS A 17 2.67 -14.71 1.68
CA LYS A 17 3.57 -14.18 2.71
C LYS A 17 4.91 -13.76 2.12
N MET A 18 5.44 -14.56 1.18
CA MET A 18 6.69 -14.19 0.52
C MET A 18 6.53 -12.89 -0.26
N ILE A 19 5.40 -12.74 -0.96
CA ILE A 19 5.14 -11.50 -1.70
C ILE A 19 5.03 -10.33 -0.73
N ASP A 20 4.41 -10.54 0.42
CA ASP A 20 4.33 -9.47 1.42
C ASP A 20 5.71 -9.08 1.91
N ARG A 21 6.58 -10.05 2.14
CA ARG A 21 7.95 -9.75 2.56
C ARG A 21 8.68 -8.94 1.48
N ASN A 22 8.54 -9.35 0.22
CA ASN A 22 9.17 -8.61 -0.86
C ASN A 22 8.62 -7.19 -0.95
N LEU A 23 7.31 -7.04 -0.79
CA LEU A 23 6.70 -5.71 -0.82
C LEU A 23 7.23 -4.84 0.30
N ARG A 24 7.37 -5.40 1.50
CA ARG A 24 7.90 -4.63 2.61
C ARG A 24 9.34 -4.21 2.35
N GLU A 25 10.15 -5.11 1.79
CA GLU A 25 11.53 -4.74 1.48
C GLU A 25 11.58 -3.63 0.44
N ASP A 26 10.77 -3.74 -0.61
CA ASP A 26 10.74 -2.71 -1.63
C ASP A 26 10.27 -1.38 -1.07
N GLY A 27 9.27 -1.40 -0.19
CA GLY A 27 8.80 -0.18 0.42
C GLY A 27 9.84 0.46 1.32
N GLU A 28 10.58 -0.34 2.07
CA GLU A 28 11.67 0.20 2.88
C GLU A 28 12.73 0.85 1.99
N LYS A 29 13.08 0.19 0.89
CA LYS A 29 14.06 0.76 -0.02
C LYS A 29 13.56 2.08 -0.61
N ALA A 30 12.28 2.12 -1.01
CA ALA A 30 11.74 3.34 -1.58
C ALA A 30 11.71 4.47 -0.56
N ALA A 31 11.30 4.17 0.68
CA ALA A 31 11.26 5.20 1.71
C ALA A 31 12.65 5.72 2.04
N ARG A 32 13.65 4.85 2.07
CA ARG A 32 15.01 5.31 2.36
C ARG A 32 15.51 6.27 1.30
N GLU A 33 15.09 6.09 0.05
CA GLU A 33 15.53 6.95 -1.04
C GLU A 33 14.82 8.31 -0.98
N VAL A 34 15.49 9.32 -1.53
CA VAL A 34 14.97 10.69 -1.54
C VAL A 34 14.38 10.98 -2.92
N LYS A 35 13.19 11.57 -2.93
CA LYS A 35 12.48 11.89 -4.16
C LYS A 35 12.36 13.40 -4.29
N LEU A 36 12.70 13.93 -5.46
CA LEU A 36 12.66 15.35 -5.74
C LEU A 36 11.86 15.60 -7.01
N LEU A 37 11.18 16.74 -7.04
CA LEU A 37 10.36 17.16 -8.18
C LEU A 37 11.05 18.33 -8.87
N LEU A 38 11.17 18.24 -10.19
CA LEU A 38 11.82 19.26 -11.00
C LEU A 38 10.77 19.97 -11.85
N LEU A 39 10.80 21.30 -11.82
CA LEU A 39 9.85 22.12 -12.56
C LEU A 39 10.57 23.30 -13.19
N GLY A 40 9.90 23.89 -14.19
CA GLY A 40 10.44 25.03 -14.91
C GLY A 40 10.80 24.76 -16.35
N ALA A 41 10.47 23.59 -16.89
CA ALA A 41 10.82 23.27 -18.26
C ALA A 41 10.11 24.22 -19.22
N GLY A 42 10.82 24.61 -20.28
CA GLY A 42 10.27 25.48 -21.30
C GLY A 42 10.41 26.96 -21.02
N GLU A 43 10.87 27.35 -19.83
CA GLU A 43 11.05 28.75 -19.49
C GLU A 43 12.32 29.02 -18.71
N SER A 44 13.19 28.03 -18.51
CA SER A 44 14.41 28.22 -17.73
C SER A 44 15.41 27.15 -18.14
N GLY A 45 16.66 27.36 -17.73
CA GLY A 45 17.73 26.43 -18.06
C GLY A 45 17.69 25.17 -17.22
N LYS A 46 16.56 24.45 -17.29
CA LYS A 46 16.44 23.20 -16.53
C LYS A 46 17.41 22.15 -17.04
N ASN A 47 17.62 22.11 -18.36
CA ASN A 47 18.48 21.08 -18.94
C ASN A 47 19.91 21.21 -18.40
N THR A 48 20.39 22.43 -18.21
CA THR A 48 21.74 22.62 -17.68
C THR A 48 21.85 22.04 -16.27
N ILE A 49 20.85 22.30 -15.43
CA ILE A 49 20.87 21.76 -14.06
C ILE A 49 20.80 20.25 -14.09
N VAL A 50 19.98 19.69 -14.97
CA VAL A 50 19.88 18.24 -15.08
C VAL A 50 21.23 17.64 -15.49
N LYS A 51 21.90 18.29 -16.46
CA LYS A 51 23.21 17.81 -16.89
C LYS A 51 24.22 17.90 -15.75
N GLN A 52 24.16 18.97 -14.95
CA GLN A 52 25.03 19.07 -13.79
C GLN A 52 24.78 17.93 -12.82
N MET A 53 23.50 17.59 -12.59
CA MET A 53 23.18 16.49 -11.70
C MET A 53 23.69 15.17 -12.26
N LYS A 54 23.58 14.98 -13.57
CA LYS A 54 24.03 13.74 -14.21
C LYS A 54 25.47 13.42 -13.82
N THR A 182 8.14 9.18 -23.63
CA THR A 182 8.20 10.60 -23.94
C THR A 182 7.48 11.43 -22.89
N GLY A 183 7.25 10.83 -21.72
CA GLY A 183 6.59 11.53 -20.63
C GLY A 183 7.54 11.93 -19.53
N ILE A 184 7.23 11.53 -18.30
CA ILE A 184 8.09 11.86 -17.17
C ILE A 184 9.45 11.21 -17.35
N VAL A 185 10.49 11.92 -16.93
CA VAL A 185 11.88 11.44 -17.04
C VAL A 185 12.45 11.34 -15.63
N GLU A 186 13.06 10.20 -15.32
CA GLU A 186 13.64 9.93 -14.01
C GLU A 186 15.15 9.92 -14.11
N THR A 187 15.81 10.65 -13.21
CA THR A 187 17.26 10.73 -13.15
C THR A 187 17.73 10.17 -11.81
N HIS A 188 18.73 9.30 -11.86
CA HIS A 188 19.26 8.63 -10.67
C HIS A 188 20.71 9.04 -10.47
N PHE A 189 21.03 9.47 -9.26
CA PHE A 189 22.41 9.79 -8.89
C PHE A 189 22.56 9.69 -7.38
N THR A 190 23.75 9.31 -6.94
CA THR A 190 24.06 9.13 -5.53
C THR A 190 25.16 10.09 -5.13
N PHE A 191 24.97 10.80 -4.03
CA PHE A 191 25.94 11.78 -3.55
C PHE A 191 26.04 11.67 -2.03
N LYS A 192 27.28 11.59 -1.53
CA LYS A 192 27.55 11.53 -0.09
C LYS A 192 26.76 10.41 0.57
N ASP A 193 26.79 9.23 -0.06
CA ASP A 193 26.16 8.03 0.45
C ASP A 193 24.64 8.16 0.58
N LEU A 194 24.06 9.15 -0.11
CA LEU A 194 22.63 9.37 -0.12
C LEU A 194 22.12 9.20 -1.55
N HIS A 195 21.07 8.40 -1.72
CA HIS A 195 20.51 8.12 -3.03
C HIS A 195 19.50 9.21 -3.39
N PHE A 196 19.72 9.86 -4.53
CA PHE A 196 18.83 10.92 -5.02
C PHE A 196 18.05 10.43 -6.23
N LYS A 197 16.75 10.73 -6.24
CA LYS A 197 15.86 10.32 -7.32
C LYS A 197 15.04 11.55 -7.71
N MET A 198 15.19 12.00 -8.95
CA MET A 198 14.54 13.22 -9.42
C MET A 198 13.61 12.90 -10.59
N PHE A 199 12.47 13.59 -10.61
CA PHE A 199 11.45 13.46 -11.64
C PHE A 199 11.34 14.76 -12.42
N ASP A 200 11.36 14.67 -13.75
CA ASP A 200 11.15 15.82 -14.61
C ASP A 200 9.76 15.74 -15.23
N VAL A 201 8.98 16.80 -15.06
CA VAL A 201 7.60 16.83 -15.52
C VAL A 201 7.49 17.77 -16.72
N GLY A 202 8.56 17.87 -17.50
CA GLY A 202 8.61 18.77 -18.63
C GLY A 202 7.43 18.65 -19.57
N ALA A 203 6.73 17.51 -19.54
CA ALA A 203 5.53 17.35 -20.35
C ALA A 203 4.37 18.14 -19.75
N GLN A 204 4.46 19.46 -19.81
CA GLN A 204 3.46 20.35 -19.22
C GLN A 204 2.32 20.66 -20.17
N ARG A 205 2.06 19.81 -21.16
CA ARG A 205 1.00 20.03 -22.14
C ARG A 205 -0.34 19.45 -21.69
N SER A 206 -0.55 19.30 -20.38
CA SER A 206 -1.81 18.81 -19.84
C SER A 206 -2.16 19.62 -18.60
N GLU A 207 -3.43 19.54 -18.21
CA GLU A 207 -3.90 20.29 -17.05
C GLU A 207 -3.08 19.93 -15.82
N ARG A 208 -2.27 20.88 -15.34
CA ARG A 208 -1.36 20.58 -14.24
C ARG A 208 -2.10 20.25 -12.96
N LYS A 209 -3.19 20.98 -12.68
CA LYS A 209 -3.87 20.83 -11.39
C LYS A 209 -4.43 19.43 -11.18
N LYS A 210 -4.70 18.69 -12.26
CA LYS A 210 -5.37 17.40 -12.15
C LYS A 210 -4.41 16.22 -12.10
N TRP A 211 -3.09 16.47 -12.19
CA TRP A 211 -2.11 15.41 -11.97
C TRP A 211 -0.96 15.84 -11.06
N ILE A 212 -0.87 17.12 -10.68
CA ILE A 212 0.18 17.54 -9.77
C ILE A 212 -0.04 16.91 -8.39
N HIS A 213 -1.29 16.68 -8.00
CA HIS A 213 -1.58 16.09 -6.70
C HIS A 213 -0.94 14.71 -6.55
N CYS A 214 -0.67 14.02 -7.66
CA CYS A 214 -0.10 12.68 -7.58
C CYS A 214 1.31 12.69 -6.97
N PHE A 215 1.96 13.85 -6.93
CA PHE A 215 3.30 13.98 -6.35
C PHE A 215 3.27 14.40 -4.89
N GLU A 216 2.16 14.15 -4.18
CA GLU A 216 2.05 14.51 -2.77
C GLU A 216 2.93 13.58 -1.95
N GLY A 217 4.09 14.09 -1.51
CA GLY A 217 5.00 13.31 -0.71
C GLY A 217 6.46 13.50 -1.08
N VAL A 218 6.70 14.26 -2.16
CA VAL A 218 8.08 14.50 -2.57
C VAL A 218 8.82 15.25 -1.46
N THR A 219 10.10 14.90 -1.28
CA THR A 219 10.89 15.52 -0.22
C THR A 219 11.01 17.02 -0.45
N ALA A 220 11.27 17.44 -1.68
CA ALA A 220 11.40 18.85 -2.01
C ALA A 220 11.12 19.05 -3.49
N ILE A 221 10.89 20.31 -3.85
CA ILE A 221 10.59 20.69 -5.23
C ILE A 221 11.69 21.62 -5.71
N ILE A 222 12.29 21.29 -6.85
CA ILE A 222 13.33 22.11 -7.46
C ILE A 222 12.68 22.91 -8.58
N PHE A 223 12.68 24.23 -8.43
CA PHE A 223 12.07 25.15 -9.39
C PHE A 223 13.18 25.98 -10.01
N CYS A 224 13.25 25.97 -11.34
CA CYS A 224 14.32 26.61 -12.08
C CYS A 224 13.82 27.89 -12.73
N VAL A 225 14.60 28.97 -12.59
CA VAL A 225 14.27 30.26 -13.17
C VAL A 225 15.52 30.82 -13.83
N ALA A 226 15.35 31.41 -15.00
CA ALA A 226 16.43 32.06 -15.73
C ALA A 226 16.37 33.55 -15.48
N LEU A 227 17.45 34.11 -14.91
CA LEU A 227 17.46 35.53 -14.61
C LEU A 227 17.48 36.39 -15.87
N SER A 228 17.84 35.82 -17.02
CA SER A 228 17.86 36.56 -18.27
C SER A 228 16.47 36.78 -18.87
N ASP A 229 15.44 36.19 -18.29
CA ASP A 229 14.08 36.29 -18.82
C ASP A 229 13.36 37.56 -18.37
N TYR A 230 14.02 38.41 -17.57
CA TYR A 230 13.35 39.62 -17.09
C TYR A 230 12.96 40.53 -18.25
N ASP A 231 13.83 40.67 -19.25
CA ASP A 231 13.55 41.52 -20.39
C ASP A 231 12.87 40.76 -21.53
N LEU A 232 13.25 39.51 -21.76
CA LEU A 232 12.67 38.72 -22.83
C LEU A 232 11.21 38.37 -22.51
N MET A 240 3.33 40.29 -21.89
CA MET A 240 3.93 40.00 -20.60
C MET A 240 5.26 39.26 -20.77
N ASN A 241 6.23 39.62 -19.94
CA ASN A 241 7.55 39.00 -20.02
C ASN A 241 7.50 37.57 -19.50
N ARG A 242 8.45 36.76 -19.99
CA ARG A 242 8.52 35.36 -19.55
C ARG A 242 8.76 35.26 -18.05
N MET A 243 9.44 36.25 -17.48
CA MET A 243 9.66 36.25 -16.03
C MET A 243 8.35 36.35 -15.27
N HIS A 244 7.40 37.15 -15.79
CA HIS A 244 6.08 37.22 -15.17
C HIS A 244 5.37 35.87 -15.23
N ALA A 245 5.49 35.17 -16.37
CA ALA A 245 4.88 33.84 -16.47
C ALA A 245 5.51 32.88 -15.48
N SER A 246 6.84 32.92 -15.34
CA SER A 246 7.50 32.06 -14.37
C SER A 246 7.05 32.39 -12.94
N MET A 247 6.90 33.68 -12.64
CA MET A 247 6.41 34.08 -11.33
C MET A 247 5.01 33.56 -11.08
N LYS A 248 4.13 33.65 -12.08
CA LYS A 248 2.77 33.14 -11.93
C LYS A 248 2.77 31.63 -11.73
N LEU A 249 3.62 30.92 -12.46
CA LEU A 249 3.71 29.48 -12.28
C LEU A 249 4.20 29.14 -10.87
N PHE A 250 5.21 29.86 -10.38
CA PHE A 250 5.70 29.63 -9.02
C PHE A 250 4.61 29.88 -8.00
N ASP A 251 3.84 30.96 -8.17
CA ASP A 251 2.73 31.23 -7.26
C ASP A 251 1.71 30.09 -7.31
N SER A 252 1.42 29.59 -8.51
CA SER A 252 0.45 28.51 -8.65
C SER A 252 0.92 27.25 -7.92
N ILE A 253 2.20 26.91 -8.06
CA ILE A 253 2.70 25.70 -7.40
C ILE A 253 3.06 25.96 -5.94
N CYS A 254 3.55 27.16 -5.62
CA CYS A 254 3.91 27.46 -4.23
C CYS A 254 2.69 27.44 -3.33
N ASN A 255 1.58 27.99 -3.79
CA ASN A 255 0.36 28.08 -2.99
C ASN A 255 -0.51 26.84 -3.09
N ASN A 256 -0.12 25.86 -3.91
CA ASN A 256 -0.92 24.65 -4.05
C ASN A 256 -1.02 23.93 -2.70
N LYS A 257 -2.25 23.52 -2.37
CA LYS A 257 -2.47 22.86 -1.08
C LYS A 257 -1.75 21.52 -1.01
N TRP A 258 -1.51 20.88 -2.16
CA TRP A 258 -0.83 19.59 -2.16
C TRP A 258 0.63 19.73 -1.74
N PHE A 259 1.20 20.92 -1.88
CA PHE A 259 2.60 21.18 -1.54
C PHE A 259 2.69 22.13 -0.35
N THR A 260 1.78 22.00 0.61
CA THR A 260 1.78 22.89 1.77
C THR A 260 3.03 22.68 2.62
N ASP A 261 3.41 21.43 2.86
CA ASP A 261 4.53 21.11 3.74
C ASP A 261 5.79 20.73 3.00
N THR A 262 5.81 20.84 1.67
CA THR A 262 6.97 20.46 0.88
C THR A 262 7.80 21.70 0.57
N SER A 263 9.07 21.67 0.95
CA SER A 263 9.96 22.79 0.71
C SER A 263 10.28 22.91 -0.78
N ILE A 264 10.62 24.13 -1.19
CA ILE A 264 10.95 24.44 -2.58
C ILE A 264 12.38 24.91 -2.64
N ILE A 265 13.17 24.30 -3.53
CA ILE A 265 14.55 24.71 -3.79
C ILE A 265 14.55 25.52 -5.07
N LEU A 266 14.98 26.78 -4.99
CA LEU A 266 14.95 27.70 -6.11
C LEU A 266 16.38 27.92 -6.61
N PHE A 267 16.60 27.67 -7.89
CA PHE A 267 17.89 27.90 -8.54
C PHE A 267 17.72 28.99 -9.58
N LEU A 268 18.54 30.02 -9.48
CA LEU A 268 18.54 31.12 -10.44
C LEU A 268 19.64 30.86 -11.45
N ASN A 269 19.31 30.09 -12.49
CA ASN A 269 20.29 29.68 -13.47
C ASN A 269 20.65 30.83 -14.41
N LYS A 270 21.74 30.65 -15.14
CA LYS A 270 22.22 31.64 -16.10
C LYS A 270 22.46 32.99 -15.42
N LYS A 271 23.13 32.93 -14.26
CA LYS A 271 23.42 34.15 -13.50
C LYS A 271 24.38 35.06 -14.26
N ASP A 272 25.37 34.47 -14.94
CA ASP A 272 26.35 35.29 -15.67
C ASP A 272 25.69 36.06 -16.81
N LEU A 273 24.76 35.43 -17.52
CA LEU A 273 24.08 36.11 -18.61
C LEU A 273 23.29 37.31 -18.09
N PHE A 274 22.57 37.14 -16.98
CA PHE A 274 21.85 38.26 -16.40
C PHE A 274 22.80 39.34 -15.90
N GLU A 275 23.95 38.93 -15.35
CA GLU A 275 24.94 39.91 -14.90
C GLU A 275 25.43 40.75 -16.07
N GLU A 276 25.69 40.12 -17.20
CA GLU A 276 26.11 40.87 -18.38
C GLU A 276 24.99 41.74 -18.92
N LYS A 277 23.75 41.24 -18.87
CA LYS A 277 22.63 41.96 -19.47
C LYS A 277 22.24 43.18 -18.65
N ILE A 278 22.34 43.09 -17.33
CA ILE A 278 21.87 44.19 -16.47
C ILE A 278 22.64 45.47 -16.77
N LYS A 279 23.89 45.36 -17.20
CA LYS A 279 24.68 46.54 -17.51
C LYS A 279 24.16 47.29 -18.73
N LYS A 280 23.27 46.69 -19.52
CA LYS A 280 22.74 47.31 -20.73
C LYS A 280 21.28 47.73 -20.59
N SER A 281 20.45 46.94 -19.93
CA SER A 281 19.04 47.23 -19.78
C SER A 281 18.68 47.29 -18.29
N PRO A 282 17.99 48.33 -17.84
CA PRO A 282 17.63 48.40 -16.41
C PRO A 282 16.60 47.35 -16.03
N LEU A 283 16.63 46.97 -14.76
CA LEU A 283 15.65 46.00 -14.24
C LEU A 283 14.25 46.58 -14.19
N THR A 284 14.10 47.90 -14.29
CA THR A 284 12.77 48.51 -14.21
C THR A 284 11.86 48.07 -15.36
N ILE A 285 12.43 47.52 -16.44
CA ILE A 285 11.61 47.08 -17.56
C ILE A 285 10.64 45.99 -17.10
N CYS A 286 11.10 45.10 -16.22
CA CYS A 286 10.25 44.03 -15.71
C CYS A 286 9.56 44.40 -14.41
N TYR A 287 10.16 45.28 -13.60
CA TYR A 287 9.61 45.70 -12.32
C TYR A 287 9.55 47.22 -12.30
N PRO A 288 8.47 47.81 -12.82
CA PRO A 288 8.38 49.27 -12.81
C PRO A 288 8.47 49.87 -11.43
N GLU A 289 7.95 49.18 -10.41
CA GLU A 289 8.00 49.70 -9.05
C GLU A 289 9.39 49.61 -8.44
N TYR A 290 10.33 48.91 -9.07
CA TYR A 290 11.67 48.77 -8.52
C TYR A 290 12.38 50.12 -8.49
N ALA A 291 13.13 50.34 -7.41
CA ALA A 291 13.92 51.55 -7.26
C ALA A 291 15.23 51.20 -6.56
N GLY A 292 16.34 51.42 -7.23
CA GLY A 292 17.63 51.11 -6.67
C GLY A 292 18.70 51.08 -7.74
N SER A 293 19.91 50.72 -7.31
CA SER A 293 21.04 50.67 -8.21
C SER A 293 20.91 49.48 -9.16
N ASN A 294 21.62 49.58 -10.28
CA ASN A 294 21.64 48.53 -11.29
C ASN A 294 22.72 47.48 -11.06
N THR A 295 23.44 47.56 -9.94
CA THR A 295 24.51 46.62 -9.67
C THR A 295 23.94 45.21 -9.52
N TYR A 296 24.75 44.21 -9.90
CA TYR A 296 24.33 42.83 -9.82
C TYR A 296 23.90 42.46 -8.40
N GLU A 297 24.74 42.79 -7.41
CA GLU A 297 24.44 42.40 -6.03
C GLU A 297 23.14 43.03 -5.53
N GLU A 298 22.69 44.11 -6.16
CA GLU A 298 21.44 44.75 -5.77
C GLU A 298 20.24 44.15 -6.50
N ALA A 299 20.32 44.07 -7.83
CA ALA A 299 19.19 43.53 -8.60
C ALA A 299 18.93 42.07 -8.26
N ALA A 300 19.99 41.27 -8.15
CA ALA A 300 19.80 39.86 -7.82
C ALA A 300 19.17 39.70 -6.45
N ALA A 301 19.66 40.48 -5.47
CA ALA A 301 19.07 40.41 -4.13
C ALA A 301 17.60 40.84 -4.15
N TYR A 302 17.29 41.89 -4.91
CA TYR A 302 15.91 42.38 -4.95
C TYR A 302 14.99 41.32 -5.55
N ILE A 303 15.40 40.70 -6.65
CA ILE A 303 14.53 39.70 -7.27
C ILE A 303 14.42 38.46 -6.39
N GLN A 304 15.53 38.09 -5.73
CA GLN A 304 15.50 36.94 -4.82
C GLN A 304 14.52 37.19 -3.68
N CYS A 305 14.53 38.40 -3.11
CA CYS A 305 13.56 38.74 -2.08
C CYS A 305 12.14 38.77 -2.64
N GLN A 306 11.97 39.27 -3.86
CA GLN A 306 10.64 39.35 -4.45
C GLN A 306 10.03 37.97 -4.62
N PHE A 307 10.82 36.99 -5.07
CA PHE A 307 10.29 35.65 -5.27
C PHE A 307 9.77 35.06 -3.97
N GLU A 308 10.51 35.22 -2.88
CA GLU A 308 10.08 34.65 -1.60
C GLU A 308 8.82 35.33 -1.07
N ASP A 309 8.62 36.61 -1.39
CA ASP A 309 7.48 37.34 -0.86
C ASP A 309 6.15 36.71 -1.24
N LEU A 310 6.12 35.91 -2.32
CA LEU A 310 4.89 35.29 -2.76
C LEU A 310 4.47 34.11 -1.89
N ASN A 311 5.32 33.69 -0.95
CA ASN A 311 4.98 32.59 -0.06
C ASN A 311 3.99 33.07 0.99
N LYS A 312 2.77 32.53 0.95
CA LYS A 312 1.72 32.88 1.91
C LYS A 312 1.69 31.96 3.12
N ARG A 313 2.58 30.98 3.19
CA ARG A 313 2.64 30.03 4.30
C ARG A 313 4.07 29.87 4.80
N LYS A 314 4.74 31.02 5.00
CA LYS A 314 6.14 31.00 5.40
C LYS A 314 6.34 30.25 6.71
N ASP A 315 5.32 30.21 7.57
CA ASP A 315 5.49 29.61 8.89
C ASP A 315 5.83 28.12 8.77
N THR A 316 5.14 27.40 7.89
CA THR A 316 5.30 25.96 7.76
C THR A 316 6.04 25.54 6.50
N LYS A 317 6.49 26.49 5.68
CA LYS A 317 7.16 26.19 4.41
C LYS A 317 8.36 27.10 4.27
N GLU A 318 9.52 26.51 3.98
CA GLU A 318 10.76 27.26 3.79
C GLU A 318 11.18 27.22 2.33
N ILE A 319 11.87 28.27 1.90
CA ILE A 319 12.36 28.43 0.54
C ILE A 319 13.87 28.52 0.58
N TYR A 320 14.54 27.71 -0.23
CA TYR A 320 16.00 27.68 -0.31
C TYR A 320 16.40 28.18 -1.69
N THR A 321 16.78 29.45 -1.76
CA THR A 321 17.14 30.09 -3.01
C THR A 321 18.65 30.08 -3.19
N HIS A 322 19.10 29.71 -4.39
CA HIS A 322 20.52 29.64 -4.72
C HIS A 322 20.73 30.14 -6.14
N PHE A 323 21.96 30.54 -6.42
CA PHE A 323 22.36 30.99 -7.75
C PHE A 323 23.13 29.88 -8.45
N THR A 324 22.74 29.58 -9.69
CA THR A 324 23.29 28.47 -10.44
C THR A 324 23.91 28.96 -11.74
N CYS A 325 24.97 28.29 -12.17
CA CYS A 325 25.65 28.61 -13.41
C CYS A 325 26.18 27.34 -14.03
N SER A 326 26.43 27.39 -15.34
CA SER A 326 26.91 26.21 -16.05
C SER A 326 28.25 25.74 -15.49
N THR A 327 29.10 26.66 -15.05
CA THR A 327 30.41 26.32 -14.52
C THR A 327 30.41 26.09 -13.02
N ASP A 328 29.25 26.22 -12.36
CA ASP A 328 29.16 26.03 -10.91
C ASP A 328 29.03 24.53 -10.64
N THR A 329 30.14 23.93 -10.18
CA THR A 329 30.16 22.50 -9.94
C THR A 329 29.62 22.12 -8.57
N LYS A 330 29.40 23.09 -7.68
CA LYS A 330 28.98 22.82 -6.32
C LYS A 330 27.46 22.90 -6.13
N ASN A 331 26.70 22.95 -7.22
CA ASN A 331 25.25 22.98 -7.10
C ASN A 331 24.69 21.73 -6.43
N VAL A 332 25.41 20.61 -6.52
CA VAL A 332 24.96 19.39 -5.85
C VAL A 332 24.96 19.60 -4.33
N GLN A 333 25.92 20.37 -3.82
CA GLN A 333 26.00 20.61 -2.39
C GLN A 333 24.75 21.33 -1.89
N PHE A 334 24.23 22.28 -2.66
CA PHE A 334 23.03 23.00 -2.24
C PHE A 334 21.85 22.04 -2.12
N VAL A 335 21.67 21.16 -3.10
CA VAL A 335 20.57 20.20 -3.05
C VAL A 335 20.76 19.25 -1.88
N PHE A 336 22.00 18.81 -1.64
CA PHE A 336 22.26 17.93 -0.51
C PHE A 336 21.92 18.61 0.81
N ASP A 337 22.29 19.88 0.96
CA ASP A 337 21.96 20.61 2.18
C ASP A 337 20.45 20.76 2.33
N ALA A 338 19.76 21.06 1.24
CA ALA A 338 18.30 21.22 1.31
C ALA A 338 17.63 19.93 1.74
N VAL A 339 18.03 18.80 1.14
CA VAL A 339 17.41 17.53 1.50
C VAL A 339 17.79 17.14 2.93
N THR A 340 19.02 17.46 3.37
CA THR A 340 19.39 17.18 4.75
C THR A 340 18.52 17.99 5.71
N ASP A 341 18.28 19.26 5.40
CA ASP A 341 17.43 20.08 6.26
C ASP A 341 16.00 19.52 6.29
N VAL A 342 15.50 19.08 5.12
CA VAL A 342 14.15 18.52 5.08
C VAL A 342 14.07 17.26 5.93
N ILE A 343 15.08 16.40 5.83
CA ILE A 343 15.09 15.17 6.61
C ILE A 343 15.18 15.48 8.10
N ILE A 344 15.96 16.51 8.45
CA ILE A 344 16.07 16.92 9.85
C ILE A 344 14.72 17.39 10.36
N LYS A 345 14.01 18.18 9.56
CA LYS A 345 12.69 18.66 9.95
C LYS A 345 11.71 17.50 10.11
N ASN A 346 11.75 16.54 9.20
CA ASN A 346 10.88 15.37 9.31
C ASN A 346 11.19 14.58 10.58
N ASN A 347 12.48 14.40 10.89
CA ASN A 347 12.85 13.70 12.11
C ASN A 347 12.38 14.48 13.34
N LEU A 348 12.45 15.82 13.29
CA LEU A 348 11.98 16.63 14.41
C LEU A 348 10.49 16.44 14.62
N LYS A 349 9.71 16.44 13.54
CA LYS A 349 8.28 16.16 13.67
C LYS A 349 8.04 14.76 14.24
N ASP A 350 8.81 13.77 13.77
CA ASP A 350 8.61 12.40 14.24
C ASP A 350 8.92 12.29 15.73
N CYS A 351 9.96 12.98 16.19
CA CYS A 351 10.37 12.92 17.58
C CYS A 351 9.55 13.84 18.49
N GLY A 352 8.65 14.64 17.92
CA GLY A 352 7.80 15.51 18.70
C GLY A 352 8.32 16.91 18.92
N LEU A 353 9.56 17.21 18.52
CA LEU A 353 10.12 18.53 18.70
C LEU A 353 9.58 19.56 17.71
N PHE A 354 8.81 19.13 16.71
CA PHE A 354 8.26 20.04 15.72
C PHE A 354 6.78 19.75 15.48
N SER B 1 -12.75 34.22 -44.75
CA SER B 1 -13.61 33.85 -45.90
C SER B 1 -15.08 33.93 -45.53
N GLU B 2 -15.56 32.91 -44.83
CA GLU B 2 -16.95 32.82 -44.38
C GLU B 2 -17.02 32.36 -42.94
N LEU B 3 -16.08 32.82 -42.12
CA LEU B 3 -16.06 32.41 -40.71
C LEU B 3 -17.30 32.92 -39.98
N ASP B 4 -17.78 34.11 -40.31
CA ASP B 4 -19.01 34.61 -39.69
C ASP B 4 -20.19 33.69 -40.01
N GLN B 5 -20.32 33.28 -41.27
CA GLN B 5 -21.39 32.36 -41.64
C GLN B 5 -21.23 31.01 -40.93
N LEU B 6 -19.99 30.52 -40.84
CA LEU B 6 -19.76 29.26 -40.15
C LEU B 6 -20.18 29.33 -38.69
N ARG B 7 -19.81 30.43 -38.01
CA ARG B 7 -20.17 30.58 -36.61
C ARG B 7 -21.67 30.74 -36.42
N GLN B 8 -22.33 31.49 -37.31
CA GLN B 8 -23.78 31.61 -37.23
C GLN B 8 -24.45 30.26 -37.44
N GLU B 9 -23.95 29.46 -38.39
CA GLU B 9 -24.50 28.14 -38.62
C GLU B 9 -24.31 27.26 -37.40
N ALA B 10 -23.14 27.33 -36.77
CA ALA B 10 -22.91 26.54 -35.55
C ALA B 10 -23.86 26.97 -34.43
N GLU B 11 -24.04 28.27 -34.27
CA GLU B 11 -24.94 28.75 -33.20
C GLU B 11 -26.37 28.29 -33.45
N GLN B 12 -26.85 28.36 -34.69
CA GLN B 12 -28.22 27.94 -34.95
C GLN B 12 -28.37 26.43 -34.97
N LEU B 13 -27.30 25.67 -35.25
CA LEU B 13 -27.32 24.23 -34.98
C LEU B 13 -27.47 23.96 -33.50
N LYS B 14 -26.75 24.70 -32.66
CA LYS B 14 -26.89 24.54 -31.22
C LYS B 14 -28.31 24.85 -30.78
N ASN B 15 -28.89 25.93 -31.33
CA ASN B 15 -30.26 26.29 -30.99
C ASN B 15 -31.24 25.20 -31.42
N GLN B 16 -31.05 24.66 -32.62
CA GLN B 16 -31.94 23.59 -33.09
C GLN B 16 -31.82 22.35 -32.20
N ILE B 17 -30.60 22.00 -31.79
CA ILE B 17 -30.41 20.84 -30.93
C ILE B 17 -31.08 21.07 -29.59
N ARG B 18 -30.93 22.27 -29.02
CA ARG B 18 -31.57 22.58 -27.75
C ARG B 18 -33.09 22.51 -27.87
N ASP B 19 -33.64 23.05 -28.95
CA ASP B 19 -35.09 23.01 -29.15
C ASP B 19 -35.58 21.57 -29.28
N ALA B 20 -34.86 20.75 -30.04
CA ALA B 20 -35.25 19.35 -30.20
C ALA B 20 -35.20 18.62 -28.86
N ARG B 21 -34.16 18.86 -28.07
CA ARG B 21 -34.06 18.22 -26.76
C ARG B 21 -35.20 18.65 -25.85
N LYS B 22 -35.53 19.94 -25.86
CA LYS B 22 -36.58 20.44 -24.98
C LYS B 22 -37.96 19.98 -25.43
N ALA B 23 -38.15 19.75 -26.73
CA ALA B 23 -39.48 19.37 -27.22
C ALA B 23 -39.93 18.04 -26.62
N CYS B 24 -39.01 17.09 -26.50
CA CYS B 24 -39.34 15.75 -26.00
C CYS B 24 -39.29 15.65 -24.48
N ALA B 25 -39.01 16.74 -23.78
CA ALA B 25 -38.92 16.73 -22.32
C ALA B 25 -40.30 16.98 -21.72
N ASP B 26 -41.21 16.04 -21.98
CA ASP B 26 -42.57 16.16 -21.45
C ASP B 26 -42.57 16.11 -19.93
N ALA B 27 -41.79 15.21 -19.34
CA ALA B 27 -41.74 15.06 -17.89
C ALA B 27 -40.38 14.53 -17.49
N THR B 28 -40.04 14.73 -16.22
CA THR B 28 -38.78 14.27 -15.67
C THR B 28 -38.94 12.88 -15.06
N LEU B 29 -37.80 12.24 -14.80
CA LEU B 29 -37.82 10.91 -14.22
C LEU B 29 -38.39 10.91 -12.81
N SER B 30 -38.27 12.05 -12.10
CA SER B 30 -38.76 12.11 -10.73
C SER B 30 -40.26 11.88 -10.66
N GLN B 31 -41.02 12.47 -11.59
CA GLN B 31 -42.46 12.30 -11.58
C GLN B 31 -42.86 10.85 -11.84
N ILE B 32 -42.19 10.18 -12.77
CA ILE B 32 -42.55 8.82 -13.13
C ILE B 32 -42.28 7.86 -11.99
N THR B 33 -41.20 8.09 -11.24
CA THR B 33 -40.74 7.19 -10.20
C THR B 33 -41.41 7.45 -8.85
N ASN B 34 -42.37 8.38 -8.79
CA ASN B 34 -42.99 8.73 -7.51
C ASN B 34 -43.69 7.53 -6.87
N ASN B 35 -44.14 6.57 -7.68
CA ASN B 35 -44.91 5.45 -7.19
C ASN B 35 -44.05 4.25 -6.80
N ILE B 36 -42.74 4.32 -7.00
CA ILE B 36 -41.87 3.19 -6.69
C ILE B 36 -41.51 3.21 -5.21
N ASP B 37 -41.53 2.04 -4.59
CA ASP B 37 -41.20 1.95 -3.18
C ASP B 37 -39.72 2.25 -2.95
N PRO B 38 -39.37 2.85 -1.81
CA PRO B 38 -37.96 3.17 -1.56
C PRO B 38 -37.13 1.91 -1.39
N VAL B 39 -35.84 2.02 -1.76
CA VAL B 39 -34.92 0.91 -1.58
C VAL B 39 -34.61 0.65 -0.11
N GLY B 40 -34.90 1.61 0.76
CA GLY B 40 -34.62 1.45 2.17
C GLY B 40 -33.15 1.70 2.49
N ARG B 41 -32.79 1.38 3.74
CA ARG B 41 -31.43 1.56 4.20
C ARG B 41 -30.56 0.43 3.66
N ILE B 42 -29.53 0.78 2.89
CA ILE B 42 -28.61 -0.19 2.32
C ILE B 42 -27.33 -0.14 3.17
N GLN B 43 -27.13 -1.16 3.99
CA GLN B 43 -25.98 -1.24 4.88
C GLN B 43 -25.06 -2.38 4.45
N MET B 44 -23.76 -2.09 4.38
CA MET B 44 -22.76 -3.07 4.03
C MET B 44 -21.65 -3.05 5.08
N ARG B 45 -20.99 -4.20 5.24
CA ARG B 45 -19.89 -4.34 6.18
C ARG B 45 -18.61 -4.70 5.43
N THR B 46 -17.47 -4.27 5.98
CA THR B 46 -16.17 -4.52 5.38
C THR B 46 -15.78 -5.97 5.64
N ARG B 47 -16.20 -6.85 4.74
CA ARG B 47 -15.89 -8.27 4.90
C ARG B 47 -14.39 -8.52 4.81
N ARG B 48 -13.71 -7.85 3.87
CA ARG B 48 -12.27 -8.01 3.69
C ARG B 48 -11.61 -6.64 3.76
N THR B 49 -10.35 -6.65 4.21
CA THR B 49 -9.49 -5.45 4.23
C THR B 49 -8.15 -5.85 3.63
N LEU B 50 -8.04 -5.73 2.32
CA LEU B 50 -6.82 -6.13 1.63
C LEU B 50 -5.70 -5.15 1.97
N ARG B 51 -4.54 -5.69 2.35
CA ARG B 51 -3.38 -4.88 2.72
C ARG B 51 -2.14 -5.44 2.04
N GLY B 52 -1.12 -4.59 1.95
CA GLY B 52 0.12 -4.96 1.30
C GLY B 52 0.70 -3.80 0.51
N HIS B 53 -0.15 -2.89 0.06
CA HIS B 53 0.30 -1.69 -0.63
C HIS B 53 0.86 -0.69 0.38
N LEU B 54 1.92 0.01 -0.02
CA LEU B 54 2.56 1.01 0.82
C LEU B 54 2.49 2.40 0.22
N ALA B 55 1.47 2.67 -0.60
CA ALA B 55 1.29 3.97 -1.22
C ALA B 55 -0.19 4.15 -1.55
N LYS B 56 -0.50 5.23 -2.25
CA LYS B 56 -1.88 5.54 -2.58
C LYS B 56 -2.42 4.57 -3.63
N ILE B 57 -3.67 4.17 -3.48
CA ILE B 57 -4.36 3.34 -4.46
C ILE B 57 -5.17 4.26 -5.37
N TYR B 58 -4.98 4.09 -6.68
CA TYR B 58 -5.57 4.99 -7.67
C TYR B 58 -6.62 4.33 -8.53
N ALA B 59 -6.41 3.08 -8.97
CA ALA B 59 -7.35 2.41 -9.84
C ALA B 59 -7.42 0.93 -9.50
N MET B 60 -8.55 0.32 -9.80
CA MET B 60 -8.73 -1.11 -9.65
C MET B 60 -9.79 -1.57 -10.65
N HIS B 61 -9.79 -2.88 -10.93
CA HIS B 61 -10.74 -3.46 -11.86
C HIS B 61 -11.10 -4.87 -11.41
N TRP B 62 -12.32 -5.28 -11.67
CA TRP B 62 -12.81 -6.60 -11.29
C TRP B 62 -12.75 -7.53 -12.50
N GLY B 63 -12.18 -8.71 -12.29
CA GLY B 63 -12.14 -9.70 -13.35
C GLY B 63 -13.50 -10.31 -13.62
N THR B 64 -13.63 -10.88 -14.82
CA THR B 64 -14.88 -11.50 -15.22
C THR B 64 -15.21 -12.73 -14.37
N ASP B 65 -14.24 -13.30 -13.66
CA ASP B 65 -14.48 -14.47 -12.83
C ASP B 65 -15.11 -14.15 -11.50
N SER B 66 -15.28 -12.88 -11.16
CA SER B 66 -15.91 -12.40 -9.93
C SER B 66 -15.05 -12.61 -8.70
N ARG B 67 -13.84 -13.15 -8.83
CA ARG B 67 -12.97 -13.41 -7.70
C ARG B 67 -11.70 -12.58 -7.72
N LEU B 68 -10.95 -12.61 -8.82
CA LEU B 68 -9.67 -11.91 -8.88
C LEU B 68 -9.89 -10.44 -9.22
N LEU B 69 -9.16 -9.58 -8.51
CA LEU B 69 -9.18 -8.14 -8.78
C LEU B 69 -7.75 -7.62 -8.77
N VAL B 70 -7.51 -6.59 -9.58
CA VAL B 70 -6.19 -5.99 -9.73
C VAL B 70 -6.27 -4.54 -9.25
N SER B 71 -5.26 -4.12 -8.50
CA SER B 71 -5.17 -2.77 -7.98
C SER B 71 -3.81 -2.18 -8.31
N ALA B 72 -3.80 -0.90 -8.65
CA ALA B 72 -2.58 -0.18 -9.02
C ALA B 72 -2.30 0.90 -7.98
N SER B 73 -1.07 0.91 -7.46
CA SER B 73 -0.63 1.89 -6.48
C SER B 73 0.58 2.63 -7.00
N GLN B 74 1.01 3.65 -6.25
CA GLN B 74 2.15 4.46 -6.63
C GLN B 74 3.49 3.84 -6.25
N ASP B 75 3.47 2.68 -5.58
CA ASP B 75 4.72 1.95 -5.35
C ASP B 75 5.33 1.40 -6.62
N GLY B 76 4.59 1.42 -7.73
CA GLY B 76 5.08 0.86 -8.97
C GLY B 76 4.87 -0.63 -9.10
N LYS B 77 3.90 -1.18 -8.38
CA LYS B 77 3.64 -2.61 -8.38
C LYS B 77 2.14 -2.86 -8.45
N LEU B 78 1.75 -3.85 -9.22
CA LEU B 78 0.36 -4.29 -9.33
C LEU B 78 0.18 -5.61 -8.60
N ILE B 79 -0.84 -5.69 -7.76
CA ILE B 79 -1.13 -6.88 -6.98
C ILE B 79 -2.51 -7.38 -7.38
N ILE B 80 -2.59 -8.65 -7.76
CA ILE B 80 -3.86 -9.31 -8.06
C ILE B 80 -4.32 -10.04 -6.81
N TRP B 81 -5.47 -9.65 -6.30
CA TRP B 81 -5.99 -10.14 -5.03
C TRP B 81 -7.10 -11.15 -5.26
N ASP B 82 -7.06 -12.25 -4.53
CA ASP B 82 -8.16 -13.22 -4.52
C ASP B 82 -9.14 -12.76 -3.45
N SER B 83 -10.23 -12.12 -3.88
CA SER B 83 -11.17 -11.53 -2.93
C SER B 83 -11.79 -12.57 -2.01
N TYR B 84 -11.90 -13.83 -2.44
CA TYR B 84 -12.50 -14.87 -1.61
C TYR B 84 -11.59 -15.31 -0.48
N THR B 85 -10.29 -15.02 -0.55
CA THR B 85 -9.35 -15.48 0.47
C THR B 85 -8.32 -14.42 0.84
N THR B 86 -8.58 -13.15 0.50
CA THR B 86 -7.65 -12.05 0.76
C THR B 86 -6.22 -12.48 0.48
N ASN B 87 -6.01 -13.19 -0.62
CA ASN B 87 -4.73 -13.78 -0.96
C ASN B 87 -4.16 -13.13 -2.22
N LYS B 88 -2.86 -12.89 -2.20
CA LYS B 88 -2.15 -12.30 -3.34
C LYS B 88 -1.79 -13.39 -4.34
N VAL B 89 -2.09 -13.14 -5.61
CA VAL B 89 -1.81 -14.10 -6.67
C VAL B 89 -0.47 -13.81 -7.34
N HIS B 90 -0.26 -12.57 -7.78
CA HIS B 90 0.96 -12.17 -8.46
C HIS B 90 1.33 -10.76 -8.06
N ALA B 91 2.63 -10.46 -8.17
CA ALA B 91 3.15 -9.11 -7.95
C ALA B 91 3.93 -8.71 -9.20
N ILE B 92 3.52 -7.61 -9.83
CA ILE B 92 4.08 -7.17 -11.10
C ILE B 92 4.89 -5.89 -10.83
N PRO B 93 6.22 -5.96 -10.82
CA PRO B 93 7.01 -4.72 -10.67
C PRO B 93 6.98 -3.91 -11.96
N LEU B 94 6.52 -2.66 -11.85
CA LEU B 94 6.36 -1.79 -13.01
C LEU B 94 7.62 -0.98 -13.26
N ARG B 95 7.85 -0.66 -14.54
CA ARG B 95 8.99 0.18 -14.90
C ARG B 95 8.82 1.60 -14.39
N SER B 96 7.60 2.12 -14.41
CA SER B 96 7.30 3.47 -13.94
C SER B 96 6.35 3.39 -12.76
N SER B 97 6.67 4.13 -11.70
CA SER B 97 5.87 4.13 -10.48
C SER B 97 4.68 5.08 -10.55
N TRP B 98 4.56 5.87 -11.60
CA TRP B 98 3.47 6.84 -11.73
C TRP B 98 2.37 6.25 -12.60
N VAL B 99 1.55 5.42 -11.96
CA VAL B 99 0.38 4.82 -12.61
C VAL B 99 -0.86 5.63 -12.26
N MET B 100 -1.84 5.62 -13.16
CA MET B 100 -3.10 6.30 -12.94
C MET B 100 -4.32 5.45 -13.27
N THR B 101 -4.16 4.33 -13.97
CA THR B 101 -5.29 3.48 -14.29
C THR B 101 -4.79 2.06 -14.54
N CYS B 102 -5.68 1.09 -14.29
CA CYS B 102 -5.38 -0.31 -14.54
C CYS B 102 -6.67 -1.02 -14.90
N ALA B 103 -6.55 -2.10 -15.67
CA ALA B 103 -7.71 -2.86 -16.13
C ALA B 103 -7.37 -4.33 -16.19
N TYR B 104 -8.40 -5.17 -16.06
CA TYR B 104 -8.27 -6.61 -16.11
C TYR B 104 -9.00 -7.11 -17.35
N ALA B 105 -8.28 -7.83 -18.21
CA ALA B 105 -8.86 -8.29 -19.46
C ALA B 105 -9.98 -9.30 -19.16
N PRO B 106 -11.10 -9.25 -19.89
CA PRO B 106 -12.16 -10.24 -19.65
C PRO B 106 -11.67 -11.68 -19.79
N SER B 107 -10.78 -11.95 -20.75
CA SER B 107 -10.25 -13.29 -20.90
C SER B 107 -9.37 -13.70 -19.73
N GLY B 108 -8.78 -12.73 -19.02
CA GLY B 108 -7.91 -13.01 -17.90
C GLY B 108 -6.47 -13.28 -18.26
N ASN B 109 -6.13 -13.32 -19.55
CA ASN B 109 -4.75 -13.58 -19.95
C ASN B 109 -3.86 -12.37 -19.77
N TYR B 110 -4.39 -11.16 -19.95
CA TYR B 110 -3.60 -9.95 -19.94
C TYR B 110 -4.17 -8.94 -18.95
N VAL B 111 -3.28 -8.11 -18.41
CA VAL B 111 -3.64 -7.01 -17.53
C VAL B 111 -2.90 -5.77 -18.00
N ALA B 112 -3.60 -4.64 -18.06
CA ALA B 112 -3.05 -3.41 -18.59
C ALA B 112 -3.02 -2.33 -17.52
N CYS B 113 -2.03 -1.44 -17.63
CA CYS B 113 -1.88 -0.34 -16.70
C CYS B 113 -1.13 0.79 -17.39
N GLY B 114 -1.22 1.99 -16.81
CA GLY B 114 -0.56 3.14 -17.37
C GLY B 114 -0.72 4.33 -16.46
N GLY B 115 -0.15 5.45 -16.90
CA GLY B 115 -0.22 6.68 -16.13
C GLY B 115 0.56 7.82 -16.74
N LEU B 116 1.31 8.55 -15.92
CA LEU B 116 2.06 9.70 -16.41
C LEU B 116 3.13 9.33 -17.41
N ASP B 117 3.52 8.05 -17.47
CA ASP B 117 4.56 7.61 -18.40
C ASP B 117 4.11 7.71 -19.86
N ASN B 118 2.81 7.87 -20.11
CA ASN B 118 2.24 7.97 -21.45
C ASN B 118 2.35 6.66 -22.24
N ILE B 119 2.72 5.56 -21.59
CA ILE B 119 2.93 4.27 -22.25
C ILE B 119 2.01 3.25 -21.60
N CYS B 120 1.33 2.46 -22.44
CA CYS B 120 0.54 1.33 -21.97
C CYS B 120 1.46 0.15 -21.68
N SER B 121 1.32 -0.43 -20.50
CA SER B 121 2.08 -1.60 -20.10
C SER B 121 1.13 -2.80 -20.06
N ILE B 122 1.28 -3.70 -21.02
CA ILE B 122 0.42 -4.87 -21.14
C ILE B 122 1.20 -6.06 -20.61
N TYR B 123 0.70 -6.68 -19.55
CA TYR B 123 1.36 -7.79 -18.89
C TYR B 123 0.62 -9.08 -19.15
N ASN B 124 1.36 -10.15 -19.44
CA ASN B 124 0.79 -11.47 -19.70
C ASN B 124 0.84 -12.28 -18.41
N LEU B 125 -0.34 -12.51 -17.81
CA LEU B 125 -0.41 -13.28 -16.58
C LEU B 125 -0.19 -14.77 -16.83
N LYS B 126 -0.75 -15.30 -17.92
CA LYS B 126 -0.68 -16.72 -18.23
C LYS B 126 0.46 -16.93 -19.22
N THR B 127 1.57 -17.47 -18.74
CA THR B 127 2.74 -17.75 -19.57
C THR B 127 3.45 -18.98 -19.03
N ARG B 128 4.18 -19.65 -19.92
CA ARG B 128 4.90 -20.86 -19.53
C ARG B 128 6.11 -20.57 -18.65
N GLU B 129 6.65 -19.35 -18.70
CA GLU B 129 7.79 -18.99 -17.89
C GLU B 129 7.42 -18.63 -16.46
N GLY B 130 6.13 -18.45 -16.17
CA GLY B 130 5.68 -18.13 -14.83
C GLY B 130 5.74 -16.64 -14.52
N ASN B 131 6.93 -16.06 -14.66
CA ASN B 131 7.09 -14.64 -14.36
C ASN B 131 6.24 -13.79 -15.30
N VAL B 132 5.78 -12.65 -14.79
CA VAL B 132 4.94 -11.75 -15.57
C VAL B 132 5.84 -10.77 -16.33
N ARG B 133 5.66 -10.70 -17.65
CA ARG B 133 6.46 -9.84 -18.51
C ARG B 133 5.56 -8.97 -19.36
N VAL B 134 6.11 -7.84 -19.81
CA VAL B 134 5.38 -6.92 -20.66
C VAL B 134 5.28 -7.51 -22.06
N SER B 135 4.06 -7.55 -22.60
CA SER B 135 3.86 -8.09 -23.94
C SER B 135 4.09 -7.02 -25.00
N ARG B 136 3.32 -5.93 -24.95
CA ARG B 136 3.45 -4.85 -25.90
C ARG B 136 3.38 -3.51 -25.17
N GLU B 137 4.14 -2.55 -25.67
CA GLU B 137 4.14 -1.18 -25.16
C GLU B 137 3.46 -0.30 -26.21
N LEU B 138 2.25 0.17 -25.91
CA LEU B 138 1.46 0.93 -26.86
C LEU B 138 1.80 2.41 -26.75
N ALA B 139 3.04 2.72 -27.14
CA ALA B 139 3.50 4.11 -27.14
C ALA B 139 2.89 4.87 -28.32
N GLY B 140 2.80 6.18 -28.16
CA GLY B 140 2.27 7.04 -29.20
C GLY B 140 1.44 8.19 -28.68
N HIS B 141 1.00 8.10 -27.42
CA HIS B 141 0.23 9.17 -26.82
C HIS B 141 1.14 10.30 -26.39
N THR B 142 0.61 11.53 -26.45
CA THR B 142 1.35 12.73 -26.10
C THR B 142 0.95 13.29 -24.74
N GLY B 143 0.28 12.49 -23.91
CA GLY B 143 -0.14 12.96 -22.60
C GLY B 143 -0.32 11.80 -21.65
N TYR B 144 -0.57 12.14 -20.39
CA TYR B 144 -0.75 11.13 -19.37
C TYR B 144 -2.01 10.31 -19.64
N LEU B 145 -1.91 9.01 -19.40
CA LEU B 145 -3.05 8.11 -19.53
C LEU B 145 -3.95 8.22 -18.32
N SER B 146 -5.26 8.21 -18.57
CA SER B 146 -6.26 8.36 -17.51
C SER B 146 -7.13 7.14 -17.31
N CYS B 147 -7.39 6.35 -18.35
CA CYS B 147 -8.20 5.15 -18.20
C CYS B 147 -7.99 4.24 -19.41
N CYS B 148 -7.87 2.95 -19.14
CA CYS B 148 -7.76 1.94 -20.19
C CYS B 148 -8.72 0.81 -19.87
N ARG B 149 -9.37 0.27 -20.90
CA ARG B 149 -10.34 -0.80 -20.75
C ARG B 149 -10.14 -1.82 -21.86
N PHE B 150 -10.39 -3.09 -21.55
CA PHE B 150 -10.22 -4.18 -22.50
C PHE B 150 -11.55 -4.50 -23.16
N LEU B 151 -11.57 -4.45 -24.49
CA LEU B 151 -12.74 -4.87 -25.25
C LEU B 151 -12.84 -6.39 -25.27
N ASP B 152 -14.06 -6.89 -25.47
CA ASP B 152 -14.28 -8.32 -25.51
C ASP B 152 -13.48 -8.99 -26.62
N ASP B 153 -13.09 -8.25 -27.66
CA ASP B 153 -12.29 -8.78 -28.75
C ASP B 153 -10.79 -8.69 -28.48
N ASN B 154 -10.40 -8.55 -27.21
CA ASN B 154 -8.98 -8.46 -26.85
C ASN B 154 -8.33 -7.21 -27.45
N GLN B 155 -8.98 -6.07 -27.23
CA GLN B 155 -8.46 -4.78 -27.67
C GLN B 155 -8.61 -3.78 -26.54
N ILE B 156 -7.77 -2.76 -26.56
CA ILE B 156 -7.69 -1.78 -25.48
C ILE B 156 -8.14 -0.41 -26.01
N VAL B 157 -9.09 0.19 -25.33
CA VAL B 157 -9.48 1.58 -25.57
C VAL B 157 -8.76 2.46 -24.57
N THR B 158 -7.93 3.36 -25.05
CA THR B 158 -7.04 4.15 -24.21
C THR B 158 -7.54 5.59 -24.10
N SER B 159 -7.56 6.11 -22.87
CA SER B 159 -7.89 7.49 -22.60
C SER B 159 -6.64 8.21 -22.10
N SER B 160 -6.37 9.38 -22.66
CA SER B 160 -5.15 10.12 -22.35
C SER B 160 -5.49 11.59 -22.16
N GLY B 161 -4.55 12.32 -21.55
CA GLY B 161 -4.70 13.72 -21.28
C GLY B 161 -4.43 14.63 -22.45
N ASP B 162 -4.05 14.08 -23.60
CA ASP B 162 -3.82 14.86 -24.81
C ASP B 162 -5.08 15.02 -25.65
N THR B 163 -6.26 14.80 -25.07
CA THR B 163 -7.55 14.99 -25.71
C THR B 163 -7.82 13.97 -26.82
N THR B 164 -7.12 12.85 -26.84
CA THR B 164 -7.30 11.83 -27.86
C THR B 164 -7.61 10.49 -27.20
N CYS B 165 -8.58 9.77 -27.76
CA CYS B 165 -8.90 8.40 -27.38
C CYS B 165 -8.57 7.49 -28.55
N ALA B 166 -7.83 6.43 -28.29
CA ALA B 166 -7.31 5.55 -29.33
C ALA B 166 -7.71 4.11 -29.08
N LEU B 167 -7.90 3.36 -30.16
CA LEU B 167 -8.17 1.93 -30.12
C LEU B 167 -6.93 1.22 -30.65
N TRP B 168 -6.24 0.51 -29.77
CA TRP B 168 -4.95 -0.10 -30.10
C TRP B 168 -5.14 -1.57 -30.45
N ASP B 169 -4.41 -2.02 -31.47
CA ASP B 169 -4.34 -3.43 -31.83
C ASP B 169 -3.11 -4.03 -31.16
N ILE B 170 -3.32 -5.03 -30.31
CA ILE B 170 -2.25 -5.51 -29.44
C ILE B 170 -1.12 -6.12 -30.26
N GLU B 171 -1.46 -7.02 -31.18
CA GLU B 171 -0.43 -7.78 -31.88
C GLU B 171 0.42 -6.90 -32.81
N THR B 172 -0.10 -5.75 -33.25
CA THR B 172 0.66 -4.86 -34.11
C THR B 172 1.20 -3.64 -33.36
N GLY B 173 0.62 -3.28 -32.22
CA GLY B 173 1.10 -2.12 -31.49
C GLY B 173 0.95 -0.82 -32.25
N GLN B 174 -0.18 -0.64 -32.93
CA GLN B 174 -0.45 0.56 -33.72
C GLN B 174 -1.85 1.06 -33.44
N GLN B 175 -2.06 2.36 -33.66
CA GLN B 175 -3.36 2.97 -33.43
C GLN B 175 -4.30 2.60 -34.56
N THR B 176 -5.30 1.78 -34.26
CA THR B 176 -6.28 1.39 -35.27
C THR B 176 -7.25 2.53 -35.59
N THR B 177 -7.55 3.38 -34.62
CA THR B 177 -8.45 4.51 -34.82
C THR B 177 -8.08 5.62 -33.85
N THR B 178 -8.23 6.86 -34.30
CA THR B 178 -7.94 8.03 -33.50
C THR B 178 -9.22 8.85 -33.33
N PHE B 179 -9.52 9.23 -32.09
CA PHE B 179 -10.73 9.97 -31.75
C PHE B 179 -10.35 11.34 -31.22
N THR B 180 -11.00 12.38 -31.75
CA THR B 180 -10.75 13.75 -31.32
C THR B 180 -12.08 14.50 -31.28
N GLY B 181 -12.07 15.62 -30.56
CA GLY B 181 -13.27 16.43 -30.42
C GLY B 181 -13.40 17.02 -29.03
N HIS B 182 -12.80 16.38 -28.04
CA HIS B 182 -12.83 16.88 -26.68
C HIS B 182 -11.86 18.05 -26.51
N THR B 183 -12.39 19.19 -26.10
CA THR B 183 -11.53 20.35 -25.85
C THR B 183 -10.73 20.21 -24.57
N GLY B 184 -11.24 19.45 -23.60
CA GLY B 184 -10.56 19.24 -22.34
C GLY B 184 -9.88 17.88 -22.27
N ASP B 185 -9.16 17.68 -21.17
CA ASP B 185 -8.43 16.45 -20.96
C ASP B 185 -9.41 15.30 -20.66
N VAL B 186 -9.17 14.16 -21.30
CA VAL B 186 -10.01 12.98 -21.12
C VAL B 186 -9.58 12.25 -19.87
N MET B 187 -10.55 11.81 -19.06
CA MET B 187 -10.28 11.14 -17.80
C MET B 187 -10.77 9.71 -17.75
N SER B 188 -12.05 9.46 -18.03
CA SER B 188 -12.63 8.11 -17.91
C SER B 188 -13.41 7.54 -19.07
N LEU B 189 -13.24 6.27 -19.39
CA LEU B 189 -13.99 5.65 -20.43
C LEU B 189 -14.83 4.64 -19.82
N SER B 190 -15.77 4.09 -20.54
CA SER B 190 -16.53 2.95 -20.07
C SER B 190 -17.06 2.24 -21.28
N LEU B 191 -16.84 0.94 -21.43
CA LEU B 191 -17.44 0.29 -22.59
C LEU B 191 -18.70 -0.46 -22.18
N ALA B 192 -19.68 -0.47 -23.09
CA ALA B 192 -20.93 -1.16 -22.84
C ALA B 192 -20.72 -2.68 -22.87
N PRO B 193 -21.64 -3.43 -22.28
CA PRO B 193 -21.48 -4.90 -22.29
C PRO B 193 -21.35 -5.48 -23.68
N ASP B 194 -22.07 -4.92 -24.67
CA ASP B 194 -21.99 -5.41 -26.03
C ASP B 194 -20.77 -4.91 -26.78
N THR B 195 -20.05 -3.93 -26.24
CA THR B 195 -18.85 -3.36 -26.86
C THR B 195 -19.16 -2.62 -28.15
N ARG B 196 -20.44 -2.44 -28.49
CA ARG B 196 -20.78 -1.75 -29.73
C ARG B 196 -20.42 -0.27 -29.64
N LEU B 197 -20.80 0.40 -28.56
CA LEU B 197 -20.59 1.83 -28.38
C LEU B 197 -20.02 2.07 -26.99
N PHE B 198 -19.33 3.20 -26.84
CA PHE B 198 -18.81 3.59 -25.54
C PHE B 198 -18.71 5.11 -25.48
N VAL B 199 -18.65 5.64 -24.25
CA VAL B 199 -18.67 7.07 -24.00
C VAL B 199 -17.37 7.47 -23.33
N SER B 200 -16.93 8.70 -23.58
CA SER B 200 -15.71 9.24 -23.01
C SER B 200 -16.00 10.57 -22.33
N GLY B 201 -15.41 10.78 -21.16
CA GLY B 201 -15.56 12.01 -20.39
C GLY B 201 -14.27 12.81 -20.40
N ALA B 202 -14.40 14.13 -20.41
CA ALA B 202 -13.26 15.03 -20.49
C ALA B 202 -13.47 16.20 -19.55
N CYS B 203 -12.41 17.01 -19.40
CA CYS B 203 -12.45 18.17 -18.53
C CYS B 203 -13.36 19.28 -19.06
N ASP B 204 -13.81 19.19 -20.31
CA ASP B 204 -14.67 20.19 -20.89
C ASP B 204 -16.12 20.06 -20.44
N ALA B 205 -16.39 19.29 -19.39
CA ALA B 205 -17.73 19.14 -18.85
C ALA B 205 -18.70 18.55 -19.86
N SER B 206 -18.19 17.72 -20.77
CA SER B 206 -19.01 17.09 -21.79
C SER B 206 -18.65 15.62 -21.92
N ALA B 207 -19.65 14.81 -22.26
CA ALA B 207 -19.47 13.38 -22.49
C ALA B 207 -19.83 13.07 -23.94
N LYS B 208 -18.94 12.38 -24.64
CA LYS B 208 -19.11 12.08 -26.05
C LYS B 208 -19.17 10.57 -26.26
N LEU B 209 -20.11 10.14 -27.09
CA LEU B 209 -20.30 8.73 -27.40
C LEU B 209 -19.59 8.42 -28.72
N TRP B 210 -18.55 7.58 -28.66
CA TRP B 210 -17.72 7.25 -29.80
C TRP B 210 -17.99 5.80 -30.20
N ASP B 211 -18.32 5.59 -31.47
CA ASP B 211 -18.46 4.24 -32.02
C ASP B 211 -17.09 3.74 -32.45
N VAL B 212 -16.70 2.58 -31.93
CA VAL B 212 -15.33 2.10 -32.12
C VAL B 212 -14.99 1.87 -33.60
N ARG B 213 -16.00 1.72 -34.45
CA ARG B 213 -15.76 1.40 -35.85
C ARG B 213 -15.83 2.64 -36.75
N GLU B 214 -16.88 3.45 -36.62
CA GLU B 214 -17.10 4.55 -37.54
C GLU B 214 -16.14 5.71 -37.30
N GLY B 215 -15.48 5.77 -36.15
CA GLY B 215 -14.55 6.85 -35.89
C GLY B 215 -15.21 8.20 -35.68
N MET B 216 -16.48 8.21 -35.27
CA MET B 216 -17.24 9.44 -35.13
C MET B 216 -17.94 9.46 -33.78
N CYS B 217 -18.12 10.67 -33.25
CA CYS B 217 -18.85 10.86 -31.99
C CYS B 217 -20.34 10.91 -32.31
N ARG B 218 -21.04 9.82 -32.00
CA ARG B 218 -22.45 9.74 -32.35
C ARG B 218 -23.28 10.79 -31.61
N GLN B 219 -22.99 11.00 -30.32
CA GLN B 219 -23.75 11.95 -29.53
C GLN B 219 -22.81 12.65 -28.56
N THR B 220 -23.22 13.83 -28.11
CA THR B 220 -22.47 14.63 -27.15
C THR B 220 -23.43 15.11 -26.06
N PHE B 221 -22.97 15.02 -24.80
CA PHE B 221 -23.75 15.47 -23.66
C PHE B 221 -22.97 16.54 -22.92
N THR B 222 -23.69 17.54 -22.41
CA THR B 222 -23.06 18.66 -21.72
C THR B 222 -24.03 19.22 -20.68
N GLY B 223 -23.49 20.05 -19.79
CA GLY B 223 -24.29 20.69 -18.77
C GLY B 223 -23.56 20.82 -17.43
N HIS B 224 -22.49 20.06 -17.25
CA HIS B 224 -21.75 20.09 -16.00
C HIS B 224 -20.96 21.38 -15.86
N GLU B 225 -20.78 21.81 -14.62
CA GLU B 225 -20.10 23.07 -14.34
C GLU B 225 -18.59 22.92 -14.19
N SER B 226 -18.08 21.69 -14.13
CA SER B 226 -16.65 21.47 -13.92
C SER B 226 -16.24 20.22 -14.68
N ASP B 227 -15.03 19.75 -14.41
CA ASP B 227 -14.48 18.61 -15.13
C ASP B 227 -15.21 17.32 -14.77
N ILE B 228 -15.18 16.36 -15.70
CA ILE B 228 -15.74 15.04 -15.50
C ILE B 228 -14.67 14.12 -14.94
N ASN B 229 -15.04 13.28 -13.98
CA ASN B 229 -14.10 12.39 -13.32
C ASN B 229 -14.30 10.91 -13.61
N ALA B 230 -15.55 10.46 -13.73
CA ALA B 230 -15.81 9.05 -13.99
C ALA B 230 -17.15 8.90 -14.68
N ILE B 231 -17.25 7.87 -15.52
CA ILE B 231 -18.46 7.56 -16.25
C ILE B 231 -18.65 6.04 -16.25
N CYS B 232 -19.88 5.60 -16.06
CA CYS B 232 -20.21 4.17 -16.10
C CYS B 232 -21.55 3.98 -16.81
N PHE B 233 -21.69 2.84 -17.47
CA PHE B 233 -22.90 2.52 -18.21
C PHE B 233 -23.92 1.80 -17.34
N PHE B 234 -25.19 2.09 -17.60
CA PHE B 234 -26.25 1.29 -17.03
C PHE B 234 -26.18 -0.13 -17.61
N PRO B 235 -26.54 -1.16 -16.84
CA PRO B 235 -26.45 -2.54 -17.35
C PRO B 235 -26.98 -2.69 -18.77
N ASN B 236 -28.01 -1.92 -19.14
CA ASN B 236 -28.54 -1.97 -20.49
C ASN B 236 -27.60 -1.37 -21.52
N GLY B 237 -26.80 -0.39 -21.14
CA GLY B 237 -25.99 0.35 -22.08
C GLY B 237 -26.71 1.49 -22.77
N ASN B 238 -28.00 1.68 -22.48
CA ASN B 238 -28.77 2.78 -23.05
C ASN B 238 -28.67 4.06 -22.23
N ALA B 239 -28.02 4.01 -21.07
CA ALA B 239 -27.84 5.20 -20.24
C ALA B 239 -26.55 5.06 -19.46
N PHE B 240 -26.03 6.21 -19.02
CA PHE B 240 -24.78 6.24 -18.26
C PHE B 240 -24.85 7.37 -17.24
N ALA B 241 -24.14 7.17 -16.13
CA ALA B 241 -24.04 8.17 -15.07
C ALA B 241 -22.61 8.67 -15.01
N THR B 242 -22.46 9.99 -14.89
CA THR B 242 -21.16 10.64 -14.92
C THR B 242 -20.96 11.49 -13.67
N GLY B 243 -19.76 11.44 -13.11
CA GLY B 243 -19.41 12.23 -11.96
C GLY B 243 -18.57 13.44 -12.35
N SER B 244 -18.63 14.47 -11.50
CA SER B 244 -17.91 15.70 -11.74
C SER B 244 -17.40 16.26 -10.41
N ASP B 245 -16.37 17.12 -10.51
CA ASP B 245 -15.80 17.75 -9.33
C ASP B 245 -16.76 18.71 -8.64
N ASP B 246 -17.87 19.07 -9.29
CA ASP B 246 -18.84 19.97 -8.70
C ASP B 246 -19.74 19.30 -7.66
N ALA B 247 -19.41 18.06 -7.26
CA ALA B 247 -20.14 17.33 -6.22
C ALA B 247 -21.53 16.90 -6.65
N THR B 248 -21.76 16.74 -7.95
CA THR B 248 -23.06 16.32 -8.47
C THR B 248 -22.86 15.24 -9.53
N CYS B 249 -23.63 14.17 -9.42
CA CYS B 249 -23.69 13.12 -10.43
C CYS B 249 -25.07 13.15 -11.10
N ARG B 250 -25.09 12.84 -12.39
CA ARG B 250 -26.34 12.87 -13.15
C ARG B 250 -26.37 11.70 -14.12
N LEU B 251 -27.58 11.32 -14.51
CA LEU B 251 -27.83 10.19 -15.38
C LEU B 251 -28.24 10.68 -16.76
N PHE B 252 -27.62 10.13 -17.80
CA PHE B 252 -27.93 10.48 -19.17
C PHE B 252 -28.32 9.22 -19.93
N ASP B 253 -29.37 9.33 -20.74
CA ASP B 253 -29.87 8.23 -21.55
C ASP B 253 -29.54 8.48 -23.01
N LEU B 254 -28.92 7.49 -23.65
CA LEU B 254 -28.54 7.64 -25.06
C LEU B 254 -29.76 7.85 -25.95
N ARG B 255 -30.83 7.09 -25.70
CA ARG B 255 -32.03 7.18 -26.52
C ARG B 255 -32.85 8.44 -26.22
N ALA B 256 -32.52 9.18 -25.17
CA ALA B 256 -33.21 10.41 -24.85
C ALA B 256 -32.42 11.66 -25.23
N ASP B 257 -31.09 11.57 -25.26
CA ASP B 257 -30.24 12.71 -25.61
C ASP B 257 -30.49 13.89 -24.70
N GLN B 258 -30.77 13.63 -23.43
CA GLN B 258 -31.06 14.70 -22.47
C GLN B 258 -30.84 14.15 -21.06
N GLU B 259 -30.54 15.07 -20.14
CA GLU B 259 -30.38 14.71 -18.74
C GLU B 259 -31.67 14.12 -18.19
N LEU B 260 -31.53 13.07 -17.37
CA LEU B 260 -32.66 12.39 -16.75
C LEU B 260 -32.87 12.80 -15.30
N MET B 261 -31.85 12.67 -14.46
CA MET B 261 -31.99 12.96 -13.04
C MET B 261 -30.61 13.41 -12.56
N THR B 262 -30.59 14.31 -11.58
CA THR B 262 -29.36 14.85 -11.03
C THR B 262 -29.24 14.46 -9.56
N TYR B 263 -28.04 14.05 -9.16
CA TYR B 263 -27.76 13.62 -7.80
C TYR B 263 -26.93 14.69 -7.10
N SER B 264 -27.46 15.24 -6.01
CA SER B 264 -26.75 16.27 -5.28
C SER B 264 -27.31 16.33 -3.86
N HIS B 265 -26.53 16.95 -2.96
CA HIS B 265 -26.94 17.12 -1.58
C HIS B 265 -26.32 18.39 -1.04
N ASP B 266 -27.07 19.09 -0.19
CA ASP B 266 -26.59 20.34 0.38
C ASP B 266 -25.36 20.11 1.24
N ASN B 267 -25.37 19.05 2.04
CA ASN B 267 -24.26 18.76 2.94
C ASN B 267 -23.02 18.25 2.22
N ILE B 268 -23.13 17.94 0.93
CA ILE B 268 -22.01 17.39 0.15
C ILE B 268 -21.51 18.48 -0.79
N ILE B 269 -20.25 18.87 -0.61
CA ILE B 269 -19.58 19.78 -1.52
C ILE B 269 -18.35 19.17 -2.16
N CYS B 270 -17.86 18.04 -1.66
CA CYS B 270 -16.69 17.39 -2.22
C CYS B 270 -17.00 16.78 -3.58
N GLY B 271 -15.97 16.71 -4.44
CA GLY B 271 -16.14 16.16 -5.76
C GLY B 271 -16.20 14.65 -5.78
N ILE B 272 -16.53 14.11 -6.95
CA ILE B 272 -16.65 12.66 -7.16
C ILE B 272 -15.42 12.17 -7.90
N THR B 273 -14.94 10.99 -7.53
CA THR B 273 -13.77 10.38 -8.14
C THR B 273 -14.10 9.19 -9.03
N SER B 274 -14.95 8.26 -8.55
CA SER B 274 -15.33 7.09 -9.33
C SER B 274 -16.83 6.85 -9.16
N VAL B 275 -17.44 6.30 -10.19
CA VAL B 275 -18.86 5.99 -10.21
C VAL B 275 -19.06 4.59 -10.77
N SER B 276 -19.97 3.83 -10.19
CA SER B 276 -20.24 2.47 -10.64
C SER B 276 -21.70 2.15 -10.40
N PHE B 277 -22.21 1.18 -11.17
CA PHE B 277 -23.59 0.74 -11.09
C PHE B 277 -23.66 -0.67 -10.50
N SER B 278 -24.78 -0.94 -9.83
CA SER B 278 -25.09 -2.30 -9.42
C SER B 278 -25.62 -3.10 -10.60
N LYS B 279 -25.69 -4.42 -10.42
CA LYS B 279 -26.13 -5.28 -11.52
C LYS B 279 -27.55 -4.92 -11.96
N SER B 280 -28.46 -4.69 -11.01
CA SER B 280 -29.81 -4.30 -11.36
C SER B 280 -29.89 -2.83 -11.79
N GLY B 281 -28.97 -1.99 -11.32
CA GLY B 281 -28.99 -0.58 -11.64
C GLY B 281 -29.79 0.28 -10.70
N ARG B 282 -30.49 -0.32 -9.74
CA ARG B 282 -31.26 0.48 -8.78
C ARG B 282 -30.36 1.35 -7.93
N LEU B 283 -29.22 0.81 -7.50
CA LEU B 283 -28.31 1.51 -6.61
C LEU B 283 -27.13 2.07 -7.40
N LEU B 284 -26.84 3.35 -7.18
CA LEU B 284 -25.70 4.02 -7.80
C LEU B 284 -24.66 4.30 -6.71
N LEU B 285 -23.45 3.80 -6.92
CA LEU B 285 -22.36 3.96 -5.96
C LEU B 285 -21.29 4.84 -6.56
N ALA B 286 -20.91 5.89 -5.83
CA ALA B 286 -19.91 6.84 -6.29
C ALA B 286 -19.02 7.25 -5.12
N GLY B 287 -17.72 7.31 -5.36
CA GLY B 287 -16.78 7.76 -4.36
C GLY B 287 -16.68 9.28 -4.32
N TYR B 288 -16.43 9.80 -3.13
CA TYR B 288 -16.36 11.24 -2.90
C TYR B 288 -15.06 11.60 -2.22
N ASP B 289 -14.65 12.85 -2.38
CA ASP B 289 -13.42 13.34 -1.76
C ASP B 289 -13.55 13.50 -0.26
N ASP B 290 -14.75 13.36 0.30
CA ASP B 290 -14.97 13.50 1.74
C ASP B 290 -14.57 12.24 2.51
N PHE B 291 -13.76 11.36 1.91
CA PHE B 291 -13.23 10.17 2.57
C PHE B 291 -14.33 9.15 2.85
N ASN B 292 -15.37 9.13 2.03
CA ASN B 292 -16.45 8.17 2.19
C ASN B 292 -17.10 7.91 0.84
N CYS B 293 -17.78 6.77 0.74
CA CYS B 293 -18.51 6.38 -0.46
C CYS B 293 -20.01 6.42 -0.17
N ASN B 294 -20.76 6.98 -1.11
CA ASN B 294 -22.19 7.19 -0.95
C ASN B 294 -22.95 6.30 -1.92
N VAL B 295 -24.08 5.78 -1.47
CA VAL B 295 -24.96 4.94 -2.27
C VAL B 295 -26.22 5.74 -2.57
N TRP B 296 -26.53 5.92 -3.85
CA TRP B 296 -27.68 6.69 -4.30
C TRP B 296 -28.65 5.79 -5.05
N ASP B 297 -29.94 5.97 -4.78
CA ASP B 297 -30.97 5.28 -5.54
C ASP B 297 -31.03 5.86 -6.95
N ALA B 298 -30.64 5.06 -7.95
CA ALA B 298 -30.57 5.55 -9.32
C ALA B 298 -31.92 6.06 -9.82
N LEU B 299 -33.02 5.61 -9.22
CA LEU B 299 -34.35 5.99 -9.67
C LEU B 299 -34.91 7.19 -8.92
N LYS B 300 -34.55 7.37 -7.65
CA LYS B 300 -35.10 8.45 -6.84
C LYS B 300 -34.07 9.32 -6.15
N ALA B 301 -32.82 8.88 -6.05
CA ALA B 301 -31.76 9.69 -5.45
C ALA B 301 -32.07 10.02 -3.99
N ASP B 302 -32.35 8.98 -3.21
CA ASP B 302 -32.70 9.13 -1.81
C ASP B 302 -31.50 8.96 -0.87
N ARG B 303 -30.31 8.71 -1.40
CA ARG B 303 -29.12 8.47 -0.57
C ARG B 303 -29.38 7.32 0.41
N ALA B 304 -29.58 6.13 -0.17
CA ALA B 304 -29.99 4.98 0.63
C ALA B 304 -29.00 4.68 1.75
N GLY B 305 -27.71 4.82 1.50
CA GLY B 305 -26.72 4.51 2.52
C GLY B 305 -25.38 5.13 2.19
N VAL B 306 -24.47 5.04 3.16
CA VAL B 306 -23.14 5.61 3.04
C VAL B 306 -22.14 4.62 3.61
N LEU B 307 -20.92 4.64 3.05
CA LEU B 307 -19.83 3.80 3.51
C LEU B 307 -18.70 4.70 3.98
N ALA B 308 -18.22 4.48 5.21
CA ALA B 308 -17.18 5.30 5.81
C ALA B 308 -16.00 4.45 6.29
N GLY B 309 -15.74 3.32 5.65
CA GLY B 309 -14.64 2.46 6.06
C GLY B 309 -13.33 2.84 5.40
N HIS B 310 -13.01 4.13 5.40
CA HIS B 310 -11.77 4.61 4.79
C HIS B 310 -11.27 5.83 5.56
N ASP B 311 -9.98 6.09 5.45
CA ASP B 311 -9.33 7.18 6.16
C ASP B 311 -8.82 8.28 5.23
N ASN B 312 -8.97 8.12 3.92
CA ASN B 312 -8.49 9.10 2.96
C ASN B 312 -9.40 9.09 1.74
N ARG B 313 -8.98 9.78 0.68
CA ARG B 313 -9.78 9.86 -0.53
C ARG B 313 -10.07 8.47 -1.09
N VAL B 314 -11.32 8.25 -1.49
CA VAL B 314 -11.70 7.02 -2.19
C VAL B 314 -11.45 7.25 -3.68
N SER B 315 -10.35 6.69 -4.18
CA SER B 315 -9.92 6.97 -5.54
C SER B 315 -10.57 6.07 -6.59
N CYS B 316 -10.81 4.80 -6.26
CA CYS B 316 -11.34 3.85 -7.22
C CYS B 316 -12.53 3.11 -6.63
N LEU B 317 -13.48 2.77 -7.50
CA LEU B 317 -14.69 2.05 -7.09
C LEU B 317 -15.11 1.15 -8.24
N GLY B 318 -15.50 -0.08 -7.91
CA GLY B 318 -15.93 -1.02 -8.92
C GLY B 318 -16.83 -2.11 -8.38
N VAL B 319 -17.96 -2.32 -9.04
CA VAL B 319 -18.91 -3.35 -8.66
C VAL B 319 -18.55 -4.64 -9.39
N THR B 320 -18.72 -5.78 -8.71
CA THR B 320 -18.39 -7.06 -9.31
C THR B 320 -19.29 -7.33 -10.50
N ASP B 321 -18.79 -8.14 -11.44
CA ASP B 321 -19.55 -8.44 -12.64
C ASP B 321 -20.92 -9.00 -12.31
N ASP B 322 -21.00 -9.83 -11.27
CA ASP B 322 -22.28 -10.39 -10.81
C ASP B 322 -22.93 -9.56 -9.71
N GLY B 323 -22.30 -8.47 -9.29
CA GLY B 323 -22.86 -7.63 -8.25
C GLY B 323 -22.82 -8.21 -6.86
N MET B 324 -21.98 -9.24 -6.63
CA MET B 324 -21.94 -9.87 -5.32
C MET B 324 -21.31 -8.95 -4.27
N ALA B 325 -20.28 -8.19 -4.66
CA ALA B 325 -19.58 -7.34 -3.72
C ALA B 325 -19.09 -6.09 -4.43
N VAL B 326 -18.77 -5.07 -3.63
CA VAL B 326 -18.26 -3.79 -4.14
C VAL B 326 -16.90 -3.55 -3.51
N ALA B 327 -15.92 -3.19 -4.34
CA ALA B 327 -14.58 -2.88 -3.87
C ALA B 327 -14.37 -1.37 -3.86
N THR B 328 -13.83 -0.87 -2.74
CA THR B 328 -13.61 0.56 -2.55
C THR B 328 -12.15 0.75 -2.17
N GLY B 329 -11.38 1.36 -3.06
CA GLY B 329 -9.98 1.68 -2.81
C GLY B 329 -9.82 3.14 -2.43
N SER B 330 -8.74 3.43 -1.71
CA SER B 330 -8.50 4.78 -1.24
C SER B 330 -6.99 5.01 -1.15
N TRP B 331 -6.62 6.28 -0.97
CA TRP B 331 -5.22 6.67 -0.85
C TRP B 331 -4.60 6.23 0.46
N ASP B 332 -5.33 5.51 1.32
CA ASP B 332 -4.79 5.02 2.57
C ASP B 332 -4.07 3.69 2.41
N SER B 333 -3.95 3.17 1.19
CA SER B 333 -3.25 1.92 0.88
C SER B 333 -4.04 0.69 1.30
N PHE B 334 -5.35 0.82 1.52
CA PHE B 334 -6.20 -0.29 1.91
C PHE B 334 -7.40 -0.38 0.97
N LEU B 335 -7.75 -1.61 0.60
CA LEU B 335 -8.91 -1.88 -0.23
C LEU B 335 -9.96 -2.58 0.61
N LYS B 336 -11.19 -2.08 0.56
CA LYS B 336 -12.30 -2.61 1.33
C LYS B 336 -13.32 -3.23 0.38
N ILE B 337 -13.73 -4.46 0.66
CA ILE B 337 -14.73 -5.18 -0.11
C ILE B 337 -16.03 -5.16 0.68
N TRP B 338 -17.09 -4.67 0.05
CA TRP B 338 -18.38 -4.50 0.69
C TRP B 338 -19.42 -5.42 0.06
N ASN B 339 -20.39 -5.84 0.85
CA ASN B 339 -21.50 -6.64 0.35
C ASN B 339 -22.67 -6.66 1.35
N ASN C 5 -6.47 32.39 -39.08
CA ASN C 5 -5.62 31.30 -39.66
C ASN C 5 -6.49 30.17 -40.21
N THR C 6 -5.92 29.38 -41.11
CA THR C 6 -6.67 28.28 -41.70
C THR C 6 -7.05 27.24 -40.64
N ALA C 7 -6.25 27.10 -39.59
CA ALA C 7 -6.54 26.12 -38.55
C ALA C 7 -7.88 26.42 -37.88
N SER C 8 -8.12 27.70 -37.56
CA SER C 8 -9.39 28.06 -36.94
C SER C 8 -10.56 27.81 -37.88
N ILE C 9 -10.40 28.12 -39.16
CA ILE C 9 -11.47 27.89 -40.13
C ILE C 9 -11.76 26.40 -40.24
N ALA C 10 -10.71 25.57 -40.31
CA ALA C 10 -10.91 24.13 -40.39
C ALA C 10 -11.59 23.60 -39.15
N GLN C 11 -11.19 24.09 -37.96
CA GLN C 11 -11.83 23.64 -36.73
C GLN C 11 -13.30 24.03 -36.71
N ALA C 12 -13.63 25.25 -37.14
CA ALA C 12 -15.02 25.67 -37.18
C ALA C 12 -15.82 24.83 -38.16
N ARG C 13 -15.24 24.52 -39.32
CA ARG C 13 -15.94 23.69 -40.30
C ARG C 13 -16.19 22.30 -39.74
N LYS C 14 -15.19 21.71 -39.09
CA LYS C 14 -15.37 20.39 -38.49
C LYS C 14 -16.44 20.42 -37.41
N LEU C 15 -16.45 21.48 -36.58
CA LEU C 15 -17.47 21.60 -35.54
C LEU C 15 -18.86 21.70 -36.15
N VAL C 16 -19.00 22.49 -37.21
CA VAL C 16 -20.30 22.63 -37.87
C VAL C 16 -20.76 21.29 -38.43
N GLU C 17 -19.85 20.57 -39.09
CA GLU C 17 -20.19 19.27 -39.64
C GLU C 17 -20.63 18.31 -38.54
N GLN C 18 -19.90 18.29 -37.42
CA GLN C 18 -20.25 17.40 -36.33
C GLN C 18 -21.61 17.77 -35.73
N LEU C 19 -21.86 19.06 -35.55
CA LEU C 19 -23.15 19.49 -34.99
C LEU C 19 -24.30 19.12 -35.91
N LYS C 20 -24.15 19.33 -37.22
CA LYS C 20 -25.23 18.99 -38.13
C LYS C 20 -25.44 17.49 -38.21
N MET C 21 -24.36 16.71 -38.12
CA MET C 21 -24.51 15.25 -38.07
C MET C 21 -25.25 14.84 -36.81
N GLU C 22 -24.92 15.43 -35.66
CA GLU C 22 -25.58 15.08 -34.42
C GLU C 22 -27.06 15.46 -34.45
N ALA C 23 -27.37 16.62 -35.02
CA ALA C 23 -28.76 17.08 -35.02
C ALA C 23 -29.68 16.11 -35.76
N ASN C 24 -29.19 15.49 -36.83
CA ASN C 24 -30.02 14.58 -37.62
C ASN C 24 -30.49 13.38 -36.80
N ILE C 25 -29.79 13.04 -35.73
CA ILE C 25 -30.13 11.86 -34.93
C ILE C 25 -31.27 12.22 -33.98
N ASP C 26 -32.35 11.42 -34.02
CA ASP C 26 -33.47 11.57 -33.12
C ASP C 26 -33.86 10.20 -32.59
N ARG C 27 -34.44 10.18 -31.39
CA ARG C 27 -34.77 8.92 -30.73
C ARG C 27 -36.06 9.11 -29.94
N ILE C 28 -36.40 8.11 -29.12
CA ILE C 28 -37.68 8.06 -28.41
C ILE C 28 -37.77 9.19 -27.40
N LYS C 29 -38.97 9.43 -26.89
CA LYS C 29 -39.21 10.48 -25.91
C LYS C 29 -38.68 10.07 -24.55
N VAL C 30 -38.56 11.07 -23.66
CA VAL C 30 -38.00 10.82 -22.33
C VAL C 30 -38.87 9.83 -21.56
N SER C 31 -40.19 9.95 -21.69
CA SER C 31 -41.08 9.09 -20.91
C SER C 31 -40.87 7.62 -21.26
N LYS C 32 -40.75 7.31 -22.56
CA LYS C 32 -40.56 5.92 -22.96
C LYS C 32 -39.24 5.37 -22.42
N ALA C 33 -38.17 6.15 -22.49
CA ALA C 33 -36.89 5.69 -21.97
C ALA C 33 -36.96 5.47 -20.47
N ALA C 34 -37.61 6.38 -19.74
CA ALA C 34 -37.74 6.20 -18.30
C ALA C 34 -38.55 4.96 -17.97
N ALA C 35 -39.63 4.73 -18.72
CA ALA C 35 -40.44 3.54 -18.48
C ALA C 35 -39.64 2.27 -18.75
N ASP C 36 -38.86 2.25 -19.83
CA ASP C 36 -38.05 1.08 -20.13
C ASP C 36 -37.01 0.84 -19.04
N LEU C 37 -36.36 1.92 -18.57
CA LEU C 37 -35.38 1.77 -17.51
C LEU C 37 -36.03 1.23 -16.23
N MET C 38 -37.20 1.76 -15.88
CA MET C 38 -37.90 1.28 -14.69
C MET C 38 -38.27 -0.19 -14.84
N ALA C 39 -38.76 -0.58 -16.02
CA ALA C 39 -39.14 -1.98 -16.24
C ALA C 39 -37.93 -2.89 -16.10
N TYR C 40 -36.80 -2.51 -16.71
CA TYR C 40 -35.61 -3.34 -16.59
C TYR C 40 -35.14 -3.43 -15.15
N CYS C 41 -35.15 -2.31 -14.43
CA CYS C 41 -34.72 -2.33 -13.03
C CYS C 41 -35.61 -3.23 -12.19
N GLU C 42 -36.93 -3.15 -12.39
CA GLU C 42 -37.84 -4.00 -11.62
C GLU C 42 -37.65 -5.47 -11.99
N ALA C 43 -37.42 -5.77 -13.27
CA ALA C 43 -37.30 -7.16 -13.69
C ALA C 43 -36.10 -7.84 -13.05
N HIS C 44 -34.97 -7.14 -12.98
CA HIS C 44 -33.73 -7.72 -12.47
C HIS C 44 -33.49 -7.37 -10.99
N ALA C 45 -34.47 -6.78 -10.32
CA ALA C 45 -34.28 -6.44 -8.90
C ALA C 45 -34.03 -7.68 -8.06
N LYS C 46 -34.58 -8.83 -8.48
CA LYS C 46 -34.39 -10.07 -7.72
C LYS C 46 -32.96 -10.59 -7.79
N GLU C 47 -32.27 -10.35 -8.91
CA GLU C 47 -30.93 -10.91 -9.11
C GLU C 47 -29.84 -10.10 -8.44
N ASP C 48 -30.14 -8.89 -7.96
CA ASP C 48 -29.11 -8.05 -7.36
C ASP C 48 -28.80 -8.52 -5.95
N PRO C 49 -27.56 -8.92 -5.64
CA PRO C 49 -27.23 -9.26 -4.25
C PRO C 49 -27.17 -8.06 -3.33
N LEU C 50 -26.97 -6.85 -3.85
CA LEU C 50 -26.85 -5.67 -3.01
C LEU C 50 -28.20 -5.04 -2.71
N LEU C 51 -29.13 -5.09 -3.66
CA LEU C 51 -30.43 -4.48 -3.45
C LEU C 51 -31.16 -5.14 -2.29
N THR C 52 -31.08 -6.47 -2.20
CA THR C 52 -31.68 -7.22 -1.10
C THR C 52 -30.60 -8.09 -0.46
N PRO C 53 -30.60 -8.24 0.88
CA PRO C 53 -29.57 -9.07 1.51
C PRO C 53 -29.55 -10.49 0.94
N VAL C 54 -28.48 -11.23 1.23
CA VAL C 54 -28.30 -12.57 0.70
C VAL C 54 -28.09 -13.54 1.86
N PRO C 55 -28.72 -14.71 1.86
CA PRO C 55 -28.46 -15.68 2.94
C PRO C 55 -26.99 -16.08 2.98
N ALA C 56 -26.49 -16.33 4.19
CA ALA C 56 -25.09 -16.67 4.39
C ALA C 56 -24.72 -18.06 3.87
N SER C 57 -25.70 -18.88 3.50
CA SER C 57 -25.40 -20.26 3.15
C SER C 57 -24.65 -20.36 1.82
N GLU C 58 -25.06 -19.57 0.82
CA GLU C 58 -24.54 -19.73 -0.54
C GLU C 58 -23.30 -18.86 -0.77
N ASN C 59 -22.30 -19.11 0.06
CA ASN C 59 -20.93 -18.62 -0.14
C ASN C 59 -20.85 -17.11 -0.38
N PRO C 60 -21.28 -16.27 0.58
CA PRO C 60 -20.87 -14.86 0.52
C PRO C 60 -19.45 -14.69 1.02
N PHE C 61 -19.00 -13.44 1.17
CA PHE C 61 -17.66 -13.19 1.71
C PHE C 61 -17.68 -13.29 3.23
N ARG C 62 -18.19 -14.41 3.75
CA ARG C 62 -18.32 -14.63 5.18
C ARG C 62 -18.73 -13.36 5.93
N ALA D 31 5.47 11.91 65.61
CA ALA D 31 5.25 10.42 65.64
C ALA D 31 5.44 9.83 64.24
N LEU D 32 6.05 8.65 64.19
CA LEU D 32 6.28 7.99 62.92
C LEU D 32 4.98 7.39 62.39
N MET D 33 4.99 7.07 61.09
CA MET D 33 3.81 6.51 60.42
C MET D 33 2.60 7.43 60.58
N ALA D 34 2.85 8.74 60.52
CA ALA D 34 1.79 9.74 60.68
C ALA D 34 2.04 10.88 59.71
N GLN D 35 1.03 11.74 59.57
CA GLN D 35 1.09 12.89 58.67
C GLN D 35 1.27 12.46 57.22
N PHE D 36 0.61 11.38 56.82
CA PHE D 36 0.67 10.89 55.46
C PHE D 36 -0.55 11.32 54.68
N VAL D 37 -0.35 11.57 53.38
CA VAL D 37 -1.41 12.04 52.50
C VAL D 37 -1.48 11.12 51.29
N PRO D 38 -2.18 9.99 51.39
CA PRO D 38 -2.30 9.09 50.23
C PRO D 38 -3.23 9.63 49.16
N PRO D 39 -4.04 10.66 49.42
CA PRO D 39 -4.75 11.30 48.30
C PRO D 39 -3.81 11.84 47.23
N LEU D 40 -2.58 12.20 47.59
CA LEU D 40 -1.65 12.73 46.60
C LEU D 40 -1.37 11.70 45.50
N TYR D 41 -1.18 10.44 45.89
CA TYR D 41 -0.85 9.41 44.92
C TYR D 41 -2.02 9.09 44.00
N SER D 42 -3.26 9.34 44.44
CA SER D 42 -4.41 9.02 43.61
C SER D 42 -4.45 9.87 42.34
N LEU D 43 -4.20 11.17 42.47
CA LEU D 43 -4.24 12.06 41.31
C LEU D 43 -3.15 11.69 40.30
N VAL D 44 -1.93 11.48 40.78
CA VAL D 44 -0.84 11.10 39.89
C VAL D 44 -1.15 9.76 39.23
N PHE D 45 -1.71 8.82 39.98
CA PHE D 45 -2.05 7.51 39.42
C PHE D 45 -3.07 7.65 38.30
N THR D 46 -4.16 8.38 38.53
CA THR D 46 -5.21 8.48 37.54
C THR D 46 -4.73 9.25 36.30
N VAL D 47 -3.99 10.34 36.50
CA VAL D 47 -3.50 11.08 35.34
C VAL D 47 -2.47 10.26 34.56
N GLY D 48 -1.66 9.46 35.27
CA GLY D 48 -0.74 8.57 34.58
C GLY D 48 -1.47 7.54 33.75
N LEU D 49 -2.56 6.99 34.28
CA LEU D 49 -3.39 6.11 33.46
C LEU D 49 -3.86 6.85 32.21
N LEU D 50 -4.50 8.01 32.41
CA LEU D 50 -5.10 8.72 31.29
C LEU D 50 -4.06 9.08 30.23
N GLY D 51 -2.82 9.28 30.64
CA GLY D 51 -1.77 9.62 29.69
C GLY D 51 -1.18 8.40 29.00
N ASN D 52 -0.69 7.45 29.80
CA ASN D 52 0.04 6.31 29.24
C ASN D 52 -0.87 5.41 28.41
N VAL D 53 -2.09 5.15 28.89
CA VAL D 53 -2.99 4.28 28.13
C VAL D 53 -3.27 4.88 26.76
N VAL D 54 -3.58 6.18 26.72
CA VAL D 54 -3.85 6.85 25.45
C VAL D 54 -2.61 6.83 24.56
N VAL D 55 -1.43 7.09 25.14
CA VAL D 55 -0.22 7.12 24.34
C VAL D 55 0.02 5.76 23.69
N VAL D 56 -0.09 4.69 24.48
CA VAL D 56 0.13 3.35 23.93
C VAL D 56 -0.90 3.02 22.87
N MET D 57 -2.17 3.35 23.13
CA MET D 57 -3.23 3.03 22.18
C MET D 57 -3.00 3.75 20.85
N ILE D 58 -2.69 5.04 20.89
CA ILE D 58 -2.45 5.79 19.66
C ILE D 58 -1.22 5.24 18.94
N LEU D 59 -0.15 4.96 19.67
CA LEU D 59 1.08 4.49 19.03
C LEU D 59 0.85 3.15 18.35
N ILE D 60 0.19 2.21 19.03
CA ILE D 60 0.01 0.88 18.45
C ILE D 60 -1.00 0.92 17.30
N LYS D 61 -2.08 1.68 17.46
CA LYS D 61 -3.16 1.62 16.47
C LYS D 61 -2.73 2.23 15.14
N TYR D 62 -2.15 3.42 15.16
CA TYR D 62 -1.86 4.17 13.94
C TYR D 62 -0.43 3.96 13.45
N ARG D 63 0.57 4.31 14.26
CA ARG D 63 1.95 4.27 13.80
C ARG D 63 2.42 2.86 13.46
N ARG D 64 1.79 1.84 14.03
CA ARG D 64 2.17 0.45 13.80
C ARG D 64 3.60 0.16 14.21
N LEU D 65 4.21 1.04 15.01
CA LEU D 65 5.54 0.83 15.57
C LEU D 65 6.56 0.56 14.47
N ARG D 66 6.57 1.42 13.45
CA ARG D 66 7.45 1.29 12.30
C ARG D 66 8.68 2.18 12.37
N ILE D 67 8.86 2.92 13.47
CA ILE D 67 9.98 3.85 13.59
C ILE D 67 10.68 3.63 14.94
N MET D 68 11.98 3.94 14.95
CA MET D 68 12.80 3.71 16.14
C MET D 68 12.33 4.59 17.30
N THR D 69 12.08 5.87 17.03
CA THR D 69 11.61 6.76 18.08
C THR D 69 10.25 6.32 18.61
N ASN D 70 9.37 5.87 17.72
CA ASN D 70 8.06 5.41 18.16
C ASN D 70 8.15 4.18 19.05
N ILE D 71 9.03 3.24 18.71
CA ILE D 71 9.15 2.04 19.54
C ILE D 71 9.77 2.38 20.89
N TYR D 72 10.75 3.30 20.92
CA TYR D 72 11.27 3.74 22.21
C TYR D 72 10.19 4.42 23.04
N LEU D 73 9.37 5.26 22.40
CA LEU D 73 8.29 5.91 23.13
C LEU D 73 7.30 4.89 23.69
N LEU D 74 6.98 3.86 22.89
CA LEU D 74 6.07 2.81 23.37
C LEU D 74 6.68 2.07 24.54
N ASN D 75 7.97 1.75 24.47
CA ASN D 75 8.62 1.05 25.58
C ASN D 75 8.60 1.90 26.85
N LEU D 76 8.87 3.20 26.71
CA LEU D 76 8.79 4.09 27.86
C LEU D 76 7.36 4.13 28.41
N ALA D 77 6.37 4.15 27.53
CA ALA D 77 4.98 4.17 27.97
C ALA D 77 4.63 2.92 28.76
N ILE D 78 5.08 1.74 28.28
CA ILE D 78 4.80 0.50 29.02
C ILE D 78 5.52 0.50 30.36
N SER D 79 6.76 0.99 30.39
CA SER D 79 7.48 1.04 31.67
C SER D 79 6.75 1.93 32.67
N ASP D 80 6.33 3.11 32.22
CA ASP D 80 5.60 4.02 33.11
C ASP D 80 4.27 3.41 33.54
N LEU D 81 3.58 2.73 32.62
CA LEU D 81 2.32 2.09 32.97
C LEU D 81 2.53 1.02 34.03
N LEU D 82 3.58 0.22 33.88
CA LEU D 82 3.88 -0.80 34.88
C LEU D 82 4.15 -0.16 36.24
N PHE D 83 4.96 0.90 36.27
CA PHE D 83 5.28 1.55 37.53
C PHE D 83 4.01 2.10 38.19
N LEU D 84 3.17 2.79 37.42
CA LEU D 84 1.99 3.42 37.99
C LEU D 84 0.87 2.43 38.28
N VAL D 85 0.90 1.24 37.68
CA VAL D 85 -0.04 0.19 38.05
C VAL D 85 0.43 -0.58 39.27
N THR D 86 1.74 -0.59 39.54
CA THR D 86 2.24 -1.10 40.81
C THR D 86 2.13 -0.06 41.93
N LEU D 87 1.93 1.21 41.58
CA LEU D 87 1.81 2.24 42.61
C LEU D 87 0.66 2.02 43.58
N PRO D 88 -0.55 1.65 43.15
CA PRO D 88 -1.70 1.70 44.08
C PRO D 88 -1.53 0.88 45.35
N PHE D 89 -0.84 -0.25 45.28
CA PHE D 89 -0.66 -1.08 46.47
C PHE D 89 0.09 -0.31 47.56
N TRP D 90 1.06 0.51 47.17
CA TRP D 90 1.73 1.38 48.14
C TRP D 90 0.73 2.35 48.77
N ILE D 91 -0.21 2.86 47.97
CA ILE D 91 -1.23 3.75 48.51
C ILE D 91 -2.08 3.02 49.54
N HIS D 92 -2.49 1.78 49.21
CA HIS D 92 -3.31 1.01 50.13
C HIS D 92 -2.55 0.74 51.43
N TYR D 93 -1.26 0.42 51.34
CA TYR D 93 -0.47 0.22 52.55
C TYR D 93 -0.38 1.50 53.36
N VAL D 94 -0.21 2.64 52.69
CA VAL D 94 -0.12 3.91 53.41
C VAL D 94 -1.39 4.18 54.19
N ARG D 95 -2.54 3.84 53.61
CA ARG D 95 -3.82 4.07 54.29
C ARG D 95 -3.91 3.28 55.58
N GLY D 96 -3.28 2.11 55.63
CA GLY D 96 -3.31 1.28 56.83
C GLY D 96 -3.46 -0.20 56.53
N HIS D 97 -3.60 -0.55 55.26
CA HIS D 97 -3.76 -1.94 54.85
C HIS D 97 -2.39 -2.61 54.87
N ASN D 98 -2.07 -3.25 55.98
CA ASN D 98 -0.78 -3.91 56.11
C ASN D 98 -0.66 -5.05 55.12
N TRP D 99 0.52 -5.66 55.08
CA TRP D 99 0.82 -6.66 54.06
C TRP D 99 0.24 -8.03 54.43
N VAL D 100 -1.07 -8.08 54.70
CA VAL D 100 -1.77 -9.36 54.80
C VAL D 100 -2.29 -9.82 53.45
N PHE D 101 -2.12 -9.02 52.41
CA PHE D 101 -2.59 -9.38 51.08
C PHE D 101 -1.86 -10.64 50.59
N GLY D 102 -2.57 -11.44 49.81
CA GLY D 102 -2.03 -12.68 49.30
C GLY D 102 -1.78 -12.62 47.81
N HIS D 103 -0.70 -13.28 47.40
CA HIS D 103 -0.28 -13.35 46.00
C HIS D 103 0.34 -12.03 45.54
N GLY D 104 0.29 -11.00 46.38
CA GLY D 104 1.04 -9.79 46.13
C GLY D 104 2.36 -9.81 46.88
N MET D 105 3.19 -10.82 46.59
CA MET D 105 4.39 -11.04 47.36
C MET D 105 5.30 -9.81 47.32
N CYS D 106 5.93 -9.53 48.45
CA CYS D 106 6.79 -8.35 48.55
C CYS D 106 7.93 -8.42 47.56
N LYS D 107 8.35 -9.62 47.16
CA LYS D 107 9.45 -9.75 46.20
C LYS D 107 9.14 -9.00 44.91
N LEU D 108 8.12 -9.45 44.19
CA LEU D 108 7.81 -8.84 42.90
C LEU D 108 7.40 -7.39 43.05
N LEU D 109 6.59 -7.08 44.07
CA LEU D 109 6.12 -5.72 44.26
C LEU D 109 7.28 -4.76 44.46
N SER D 110 8.20 -5.09 45.38
CA SER D 110 9.35 -4.24 45.64
C SER D 110 10.25 -4.14 44.42
N GLY D 111 10.48 -5.26 43.73
CA GLY D 111 11.36 -5.24 42.58
C GLY D 111 10.82 -4.44 41.42
N PHE D 112 9.49 -4.42 41.25
CA PHE D 112 8.90 -3.74 40.11
C PHE D 112 9.14 -2.24 40.16
N TYR D 113 9.12 -1.65 41.37
CA TYR D 113 9.40 -0.22 41.49
C TYR D 113 10.75 0.11 40.89
N HIS D 114 11.80 -0.59 41.32
CA HIS D 114 13.15 -0.31 40.82
C HIS D 114 13.26 -0.66 39.35
N THR D 115 12.63 -1.76 38.92
CA THR D 115 12.69 -2.13 37.51
C THR D 115 12.12 -1.01 36.64
N GLY D 116 10.96 -0.47 37.02
CA GLY D 116 10.37 0.61 36.25
C GLY D 116 11.19 1.88 36.31
N LEU D 117 11.68 2.23 37.51
CA LEU D 117 12.46 3.46 37.65
C LEU D 117 13.78 3.40 36.91
N TYR D 118 14.32 2.20 36.68
CA TYR D 118 15.55 2.07 35.89
C TYR D 118 15.25 1.99 34.40
N SER D 119 14.18 1.28 34.02
CA SER D 119 13.81 1.18 32.61
C SER D 119 13.43 2.54 32.06
N GLU D 120 12.72 3.36 32.83
CA GLU D 120 12.36 4.69 32.36
C GLU D 120 13.59 5.54 32.11
N ILE D 121 14.57 5.49 33.01
CA ILE D 121 15.79 6.27 32.83
C ILE D 121 16.54 5.80 31.59
N PHE D 122 16.68 4.48 31.45
CA PHE D 122 17.39 3.96 30.27
C PHE D 122 16.66 4.33 28.98
N PHE D 123 15.33 4.35 29.03
CA PHE D 123 14.56 4.65 27.83
C PHE D 123 14.64 6.13 27.46
N ILE D 124 14.66 7.02 28.47
CA ILE D 124 14.91 8.43 28.20
C ILE D 124 16.31 8.61 27.60
N ILE D 125 17.30 7.89 28.14
CA ILE D 125 18.64 7.98 27.59
C ILE D 125 18.65 7.54 26.13
N LEU D 126 17.98 6.42 25.83
CA LEU D 126 17.94 5.93 24.46
C LEU D 126 17.20 6.90 23.54
N LEU D 127 16.12 7.51 24.02
CA LEU D 127 15.40 8.47 23.20
C LEU D 127 16.27 9.69 22.91
N THR D 128 17.02 10.16 23.90
CA THR D 128 17.94 11.27 23.67
C THR D 128 19.01 10.89 22.66
N ILE D 129 19.53 9.66 22.77
CA ILE D 129 20.56 9.21 21.81
C ILE D 129 19.97 9.15 20.41
N ASP D 130 18.74 8.64 20.29
CA ASP D 130 18.10 8.56 18.98
C ASP D 130 17.87 9.95 18.39
N ARG D 131 17.43 10.90 19.22
CA ARG D 131 17.25 12.27 18.73
C ARG D 131 18.58 12.85 18.28
N TYR D 132 19.65 12.62 19.04
CA TYR D 132 20.97 13.10 18.63
C TYR D 132 21.37 12.51 17.29
N LEU D 133 21.19 11.20 17.13
CA LEU D 133 21.57 10.55 15.89
C LEU D 133 20.76 11.08 14.72
N ALA D 134 19.46 11.30 14.92
CA ALA D 134 18.60 11.76 13.84
C ALA D 134 18.81 13.23 13.49
N ILE D 135 19.28 14.04 14.44
CA ILE D 135 19.45 15.46 14.21
C ILE D 135 20.87 15.85 13.79
N VAL D 136 21.88 15.04 14.11
CA VAL D 136 23.25 15.37 13.75
C VAL D 136 23.72 14.47 12.61
N HIS D 137 23.11 13.29 12.50
CA HIS D 137 23.49 12.28 11.53
C HIS D 137 22.27 11.77 10.78
N ALA D 138 21.45 12.70 10.28
CA ALA D 138 20.23 12.33 9.59
C ALA D 138 20.52 11.44 8.39
N VAL D 139 21.55 11.79 7.62
CA VAL D 139 21.88 10.99 6.43
C VAL D 139 22.20 9.56 6.84
N PHE D 140 23.02 9.39 7.88
CA PHE D 140 23.29 8.06 8.40
C PHE D 140 22.15 7.51 9.23
N ALA D 141 21.34 8.39 9.85
CA ALA D 141 20.20 7.92 10.63
C ALA D 141 19.19 7.20 9.74
N LEU D 142 19.04 7.66 8.49
CA LEU D 142 18.11 7.00 7.57
C LEU D 142 18.47 5.53 7.40
N ARG D 143 19.76 5.23 7.23
CA ARG D 143 20.21 3.85 7.06
C ARG D 143 20.39 3.13 8.39
N ALA D 144 20.40 3.85 9.52
CA ALA D 144 20.64 3.25 10.83
C ALA D 144 19.36 2.93 11.58
N ARG D 145 18.32 3.76 11.44
CA ARG D 145 17.08 3.58 12.18
C ARG D 145 16.26 2.46 11.52
N THR D 146 16.57 1.23 11.91
CA THR D 146 15.87 0.06 11.43
C THR D 146 15.00 -0.54 12.54
N VAL D 147 13.89 -1.15 12.14
CA VAL D 147 12.96 -1.71 13.12
C VAL D 147 13.65 -2.83 13.91
N THR D 148 14.40 -3.70 13.21
CA THR D 148 15.07 -4.80 13.90
C THR D 148 16.06 -4.27 14.92
N PHE D 149 16.84 -3.24 14.56
CA PHE D 149 17.78 -2.67 15.51
C PHE D 149 17.06 -2.07 16.72
N GLY D 150 15.94 -1.40 16.48
CA GLY D 150 15.17 -0.85 17.59
C GLY D 150 14.66 -1.93 18.52
N VAL D 151 14.13 -3.02 17.96
CA VAL D 151 13.64 -4.11 18.80
C VAL D 151 14.78 -4.74 19.59
N ILE D 152 15.93 -4.94 18.95
CA ILE D 152 17.07 -5.53 19.64
C ILE D 152 17.51 -4.64 20.80
N THR D 153 17.59 -3.33 20.54
CA THR D 153 18.00 -2.40 21.60
C THR D 153 16.99 -2.39 22.74
N SER D 154 15.69 -2.42 22.40
CA SER D 154 14.67 -2.43 23.44
C SER D 154 14.78 -3.68 24.30
N ILE D 155 14.97 -4.84 23.66
CA ILE D 155 15.11 -6.09 24.42
C ILE D 155 16.34 -6.04 25.30
N VAL D 156 17.46 -5.53 24.77
CA VAL D 156 18.68 -5.45 25.56
C VAL D 156 18.49 -4.54 26.75
N THR D 157 17.84 -3.40 26.56
CA THR D 157 17.61 -2.48 27.66
C THR D 157 16.67 -3.07 28.70
N TRP D 158 15.63 -3.78 28.26
CA TRP D 158 14.75 -4.46 29.22
C TRP D 158 15.52 -5.48 30.04
N GLY D 159 16.37 -6.28 29.38
CA GLY D 159 17.16 -7.24 30.11
C GLY D 159 18.11 -6.59 31.10
N LEU D 160 18.76 -5.50 30.68
CA LEU D 160 19.68 -4.79 31.58
C LEU D 160 18.94 -4.22 32.77
N ALA D 161 17.76 -3.63 32.54
CA ALA D 161 16.97 -3.09 33.64
C ALA D 161 16.55 -4.19 34.62
N VAL D 162 16.12 -5.33 34.09
CA VAL D 162 15.70 -6.44 34.95
C VAL D 162 16.89 -6.93 35.77
N LEU D 163 18.05 -7.07 35.14
CA LEU D 163 19.23 -7.55 35.84
C LEU D 163 19.65 -6.53 36.85
N ALA D 164 19.48 -5.27 36.52
CA ALA D 164 19.85 -4.21 37.44
C ALA D 164 19.01 -4.27 38.68
N ALA D 165 17.75 -4.63 38.52
CA ALA D 165 16.87 -4.64 39.65
C ALA D 165 16.84 -5.98 40.37
N LEU D 166 17.67 -6.93 39.94
CA LEU D 166 17.73 -8.19 40.67
C LEU D 166 18.12 -8.01 42.13
N PRO D 167 19.10 -7.16 42.48
CA PRO D 167 19.42 -6.98 43.90
C PRO D 167 18.22 -6.56 44.73
N GLU D 168 17.34 -5.73 44.19
CA GLU D 168 16.13 -5.32 44.91
C GLU D 168 15.01 -6.36 44.80
N PHE D 169 15.11 -7.30 43.86
CA PHE D 169 14.18 -8.42 43.84
C PHE D 169 14.39 -9.33 45.05
N ILE D 170 15.62 -9.47 45.52
CA ILE D 170 15.95 -10.46 46.55
C ILE D 170 15.75 -9.76 47.90
N PHE D 171 14.60 -10.04 48.51
CA PHE D 171 14.35 -9.66 49.90
C PHE D 171 14.37 -10.87 50.83
N TYR D 172 14.04 -12.05 50.31
CA TYR D 172 14.16 -13.32 51.03
C TYR D 172 13.09 -13.52 52.08
N GLU D 173 12.31 -12.48 52.37
CA GLU D 173 11.26 -12.57 53.38
C GLU D 173 10.54 -11.24 53.47
N THR D 174 9.44 -11.23 54.21
CA THR D 174 8.76 -10.01 54.64
C THR D 174 8.84 -9.95 56.16
N GLU D 175 9.36 -8.85 56.68
CA GLU D 175 9.65 -8.75 58.11
C GLU D 175 8.37 -8.54 58.91
N GLU D 176 8.39 -9.02 60.15
CA GLU D 176 7.30 -8.81 61.09
C GLU D 176 7.88 -8.54 62.47
N LEU D 177 7.54 -7.38 63.03
CA LEU D 177 7.90 -7.04 64.40
C LEU D 177 6.67 -7.03 65.30
N PHE D 178 5.64 -6.28 64.93
CA PHE D 178 4.34 -6.30 65.56
C PHE D 178 3.33 -6.89 64.57
N GLU D 179 2.04 -6.86 64.94
CA GLU D 179 1.01 -7.36 64.04
C GLU D 179 1.02 -6.62 62.71
N GLU D 180 1.55 -5.41 62.66
CA GLU D 180 1.65 -4.64 61.43
C GLU D 180 2.83 -5.15 60.63
N THR D 181 2.54 -5.98 59.63
CA THR D 181 3.59 -6.54 58.78
C THR D 181 4.11 -5.49 57.81
N LEU D 182 5.41 -5.56 57.52
CA LEU D 182 6.04 -4.64 56.59
C LEU D 182 7.10 -5.39 55.80
N CYS D 183 7.37 -4.91 54.59
CA CYS D 183 8.38 -5.53 53.74
C CYS D 183 9.77 -5.33 54.33
N SER D 184 10.57 -6.38 54.29
CA SER D 184 11.93 -6.32 54.80
C SER D 184 12.84 -5.60 53.81
N ALA D 185 13.99 -5.15 54.30
CA ALA D 185 14.96 -4.48 53.46
C ALA D 185 15.67 -5.49 52.57
N LEU D 186 16.56 -4.98 51.71
CA LEU D 186 17.30 -5.86 50.81
C LEU D 186 18.15 -6.86 51.58
N TYR D 187 18.79 -6.41 52.67
CA TYR D 187 19.57 -7.28 53.53
C TYR D 187 19.33 -6.86 54.96
N PRO D 188 19.45 -7.79 55.92
CA PRO D 188 19.25 -7.41 57.33
C PRO D 188 20.23 -6.32 57.75
N GLU D 189 19.76 -5.41 58.60
CA GLU D 189 20.59 -4.31 59.06
C GLU D 189 21.78 -4.78 59.89
N ASP D 190 21.70 -5.98 60.47
CA ASP D 190 22.80 -6.50 61.27
C ASP D 190 24.04 -6.79 60.42
N THR D 191 23.88 -6.97 59.12
CA THR D 191 24.98 -7.25 58.21
C THR D 191 24.87 -6.37 56.97
N VAL D 192 24.61 -5.08 57.19
CA VAL D 192 24.43 -4.15 56.08
C VAL D 192 25.75 -3.83 55.40
N TYR D 193 26.88 -4.10 56.06
CA TYR D 193 28.18 -3.77 55.49
C TYR D 193 28.53 -4.59 54.25
N SER D 194 27.76 -5.64 53.96
CA SER D 194 28.04 -6.49 52.81
C SER D 194 27.44 -5.95 51.52
N TRP D 195 26.69 -4.85 51.57
CA TRP D 195 26.05 -4.26 50.41
C TRP D 195 26.32 -2.76 50.35
N ARG D 196 27.56 -2.36 50.63
CA ARG D 196 27.91 -0.95 50.70
C ARG D 196 27.74 -0.26 49.35
N HIS D 197 28.56 -0.67 48.37
CA HIS D 197 28.63 0.06 47.10
C HIS D 197 27.31 0.01 46.34
N PHE D 198 26.73 -1.20 46.24
CA PHE D 198 25.52 -1.36 45.43
C PHE D 198 24.38 -0.49 45.94
N HIS D 199 24.23 -0.39 47.27
CA HIS D 199 23.15 0.41 47.84
C HIS D 199 23.53 1.87 48.02
N THR D 200 24.82 2.23 47.94
CA THR D 200 25.23 3.61 48.13
C THR D 200 25.36 4.37 46.81
N LEU D 201 26.21 3.89 45.91
CA LEU D 201 26.59 4.64 44.73
C LEU D 201 25.87 4.20 43.46
N ARG D 202 25.74 2.88 43.24
CA ARG D 202 25.14 2.41 42.00
C ARG D 202 23.69 2.89 41.86
N MET D 203 23.03 3.20 42.98
CA MET D 203 21.66 3.69 42.91
C MET D 203 21.58 5.13 42.45
N THR D 204 22.69 5.87 42.44
CA THR D 204 22.73 7.26 42.03
C THR D 204 23.49 7.48 40.73
N ILE D 205 24.55 6.71 40.49
CA ILE D 205 25.34 6.88 39.26
C ILE D 205 24.48 6.57 38.04
N PHE D 206 23.71 5.49 38.09
CA PHE D 206 22.84 5.11 36.98
C PHE D 206 21.57 5.95 36.91
N CYS D 207 21.30 6.79 37.91
CA CYS D 207 20.08 7.58 37.95
C CYS D 207 20.32 9.07 37.83
N LEU D 208 21.48 9.58 38.25
CA LEU D 208 21.76 11.01 38.23
C LEU D 208 22.96 11.36 37.36
N VAL D 209 24.08 10.66 37.53
CA VAL D 209 25.32 11.07 36.86
C VAL D 209 25.28 10.69 35.39
N LEU D 210 25.17 9.40 35.10
CA LEU D 210 25.19 8.94 33.71
C LEU D 210 24.06 9.54 32.88
N PRO D 211 22.80 9.53 33.32
CA PRO D 211 21.74 10.12 32.48
C PRO D 211 21.96 11.59 32.20
N LEU D 212 22.32 12.38 33.21
CA LEU D 212 22.55 13.82 32.99
C LEU D 212 23.73 14.04 32.05
N LEU D 213 24.82 13.29 32.23
CA LEU D 213 25.98 13.45 31.36
C LEU D 213 25.63 13.15 29.92
N VAL D 214 24.96 12.02 29.67
CA VAL D 214 24.59 11.66 28.31
C VAL D 214 23.64 12.69 27.73
N MET D 215 22.65 13.11 28.52
CA MET D 215 21.67 14.06 28.03
C MET D 215 22.32 15.38 27.65
N ALA D 216 23.24 15.88 28.47
CA ALA D 216 23.93 17.12 28.14
C ALA D 216 24.79 16.95 26.90
N ILE D 217 25.55 15.84 26.83
CA ILE D 217 26.45 15.62 25.71
C ILE D 217 25.67 15.58 24.40
N CYS D 218 24.47 15.00 24.43
CA CYS D 218 23.64 14.99 23.22
C CYS D 218 23.02 16.38 22.98
N TYR D 219 22.36 16.93 24.00
CA TYR D 219 21.59 18.15 23.83
C TYR D 219 22.45 19.29 23.31
N THR D 220 23.72 19.37 23.73
CA THR D 220 24.58 20.41 23.18
C THR D 220 24.71 20.26 21.67
N GLY D 221 24.91 19.03 21.20
CA GLY D 221 25.02 18.81 19.76
C GLY D 221 23.72 19.11 19.02
N ILE D 222 22.59 18.66 19.56
CA ILE D 222 21.31 18.97 18.91
C ILE D 222 21.09 20.47 18.85
N ILE D 223 21.37 21.19 19.95
CA ILE D 223 21.14 22.63 19.96
C ILE D 223 22.03 23.32 18.93
N LYS D 224 23.31 22.95 18.89
CA LYS D 224 24.22 23.57 17.94
C LYS D 224 23.83 23.28 16.50
N THR D 225 23.38 22.04 16.21
CA THR D 225 22.98 21.71 14.86
C THR D 225 21.69 22.42 14.46
N LEU D 226 20.75 22.57 15.40
CA LEU D 226 19.48 23.20 15.08
C LEU D 226 19.61 24.71 14.95
N LEU D 227 20.57 25.31 15.65
CA LEU D 227 20.74 26.76 15.56
C LEU D 227 21.13 27.21 14.16
N ARG D 228 21.62 26.31 13.32
CA ARG D 228 22.02 26.66 11.96
C ARG D 228 20.89 26.58 10.94
N CYS D 229 19.74 26.05 11.33
CA CYS D 229 18.64 25.89 10.38
C CYS D 229 18.03 27.25 10.04
N PRO D 230 17.70 27.50 8.76
CA PRO D 230 17.03 28.76 8.39
C PRO D 230 15.50 28.64 8.47
N SER D 231 14.98 28.62 9.69
CA SER D 231 13.54 28.50 9.90
C SER D 231 13.17 29.24 11.17
N LYS D 232 11.88 29.57 11.28
CA LYS D 232 11.36 30.26 12.46
C LYS D 232 10.95 29.30 13.56
N LYS D 233 10.31 28.18 13.18
CA LYS D 233 9.83 27.23 14.17
C LYS D 233 10.94 26.42 14.82
N LYS D 234 12.18 26.53 14.34
CA LYS D 234 13.27 25.81 14.98
C LYS D 234 13.42 26.21 16.43
N TYR D 235 13.08 27.47 16.76
CA TYR D 235 13.19 27.92 18.15
C TYR D 235 12.25 27.13 19.06
N LYS D 236 11.10 26.69 18.53
CA LYS D 236 10.21 25.86 19.33
C LYS D 236 10.88 24.57 19.77
N ALA D 237 11.66 23.96 18.86
CA ALA D 237 12.41 22.77 19.23
C ALA D 237 13.40 23.08 20.35
N ILE D 238 14.08 24.23 20.26
CA ILE D 238 15.02 24.61 21.31
C ILE D 238 14.29 24.74 22.64
N ARG D 239 13.13 25.41 22.64
CA ARG D 239 12.38 25.61 23.87
C ARG D 239 11.92 24.29 24.45
N LEU D 240 11.43 23.38 23.61
CA LEU D 240 10.96 22.09 24.10
C LEU D 240 12.11 21.26 24.66
N ILE D 241 13.27 21.29 24.00
CA ILE D 241 14.43 20.57 24.50
C ILE D 241 14.83 21.10 25.87
N PHE D 242 14.89 22.43 26.00
CA PHE D 242 15.25 23.04 27.27
C PHE D 242 14.22 22.69 28.35
N VAL D 243 12.94 22.71 28.00
CA VAL D 243 11.89 22.40 28.97
C VAL D 243 12.04 20.96 29.46
N ALA D 244 12.27 20.03 28.53
CA ALA D 244 12.43 18.63 28.92
C ALA D 244 13.64 18.45 29.83
N MET D 245 14.77 19.07 29.46
CA MET D 245 15.96 18.96 30.28
C MET D 245 15.72 19.53 31.68
N ALA D 246 15.10 20.71 31.75
CA ALA D 246 14.85 21.34 33.03
C ALA D 246 13.92 20.50 33.89
N VAL D 247 12.85 19.97 33.30
CA VAL D 247 11.91 19.15 34.07
C VAL D 247 12.61 17.91 34.61
N PHE D 248 13.36 17.21 33.75
CA PHE D 248 14.04 16.01 34.22
C PHE D 248 15.02 16.32 35.34
N PHE D 249 15.83 17.38 35.16
CA PHE D 249 16.78 17.75 36.20
C PHE D 249 16.07 18.09 37.50
N ILE D 250 15.07 18.96 37.43
CA ILE D 250 14.43 19.47 38.64
C ILE D 250 13.71 18.35 39.38
N PHE D 251 13.14 17.38 38.66
CA PHE D 251 12.37 16.31 39.30
C PHE D 251 13.15 15.02 39.51
N TRP D 252 14.44 14.96 39.16
CA TRP D 252 15.24 13.80 39.52
C TRP D 252 16.43 14.13 40.42
N THR D 253 17.04 15.30 40.28
CA THR D 253 18.14 15.67 41.18
C THR D 253 17.71 15.69 42.64
N PRO D 254 16.59 16.29 43.02
CA PRO D 254 16.23 16.31 44.45
C PRO D 254 16.09 14.92 45.05
N TYR D 255 15.53 13.96 44.33
CA TYR D 255 15.40 12.61 44.87
C TYR D 255 16.77 11.99 45.11
N ASN D 256 17.67 12.11 44.13
CA ASN D 256 18.99 11.51 44.27
C ASN D 256 19.79 12.16 45.38
N VAL D 257 19.69 13.48 45.53
CA VAL D 257 20.43 14.15 46.61
C VAL D 257 19.83 13.81 47.96
N ALA D 258 18.50 13.77 48.06
CA ALA D 258 17.86 13.47 49.34
C ALA D 258 18.18 12.05 49.80
N ILE D 259 18.08 11.09 48.88
CA ILE D 259 18.39 9.71 49.26
C ILE D 259 19.86 9.59 49.68
N LEU D 260 20.75 10.32 49.00
CA LEU D 260 22.15 10.33 49.39
C LEU D 260 22.32 10.96 50.77
N LEU D 261 21.71 12.12 51.00
CA LEU D 261 21.82 12.80 52.29
C LEU D 261 21.19 11.97 53.39
N SER D 262 20.00 11.43 53.15
CA SER D 262 19.30 10.64 54.15
C SER D 262 20.04 9.35 54.50
N SER D 263 20.96 8.91 53.65
CA SER D 263 21.71 7.68 53.91
C SER D 263 22.96 7.92 54.76
N TYR D 264 23.72 8.98 54.45
CA TYR D 264 24.95 9.28 55.16
C TYR D 264 24.92 10.63 55.87
N GLN D 265 24.42 11.67 55.21
CA GLN D 265 24.39 12.99 55.85
C GLN D 265 23.54 12.97 57.11
N SER D 266 22.52 12.11 57.17
CA SER D 266 21.72 11.97 58.38
C SER D 266 22.55 11.41 59.53
N ILE D 267 23.68 10.77 59.24
CA ILE D 267 24.55 10.24 60.28
C ILE D 267 25.62 11.25 60.68
N LEU D 268 26.28 11.85 59.68
CA LEU D 268 27.37 12.78 59.98
C LEU D 268 26.87 14.01 60.71
N PHE D 269 25.79 14.61 60.23
CA PHE D 269 25.28 15.86 60.79
C PHE D 269 23.80 15.80 61.15
N GLY D 270 22.99 15.07 60.38
CA GLY D 270 21.56 15.06 60.60
C GLY D 270 21.11 14.07 61.66
N ASN D 271 21.89 13.94 62.74
CA ASN D 271 21.54 13.03 63.82
C ASN D 271 20.50 13.62 64.77
N ASP D 272 20.26 14.93 64.70
CA ASP D 272 19.28 15.55 65.59
C ASP D 272 17.88 15.06 65.24
N CYS D 273 17.04 14.91 66.26
CA CYS D 273 15.68 14.41 66.05
C CYS D 273 14.88 15.36 65.17
N GLU D 274 14.95 16.67 65.43
CA GLU D 274 14.20 17.62 64.63
C GLU D 274 14.69 17.63 63.19
N ARG D 275 16.01 17.69 63.00
CA ARG D 275 16.56 17.66 61.65
C ARG D 275 16.28 16.32 60.98
N SER D 276 16.32 15.22 61.73
CA SER D 276 16.00 13.92 61.15
C SER D 276 14.55 13.88 60.65
N LYS D 277 13.62 14.41 61.45
CA LYS D 277 12.23 14.45 61.03
C LYS D 277 12.04 15.33 59.81
N HIS D 278 12.70 16.49 59.79
CA HIS D 278 12.60 17.37 58.63
C HIS D 278 13.16 16.70 57.38
N LEU D 279 14.28 15.99 57.51
CA LEU D 279 14.86 15.29 56.38
C LEU D 279 13.96 14.16 55.90
N ASP D 280 13.31 13.46 56.83
CA ASP D 280 12.36 12.43 56.44
C ASP D 280 11.19 13.02 55.68
N LEU D 281 10.66 14.15 56.15
CA LEU D 281 9.58 14.81 55.43
C LEU D 281 10.02 15.24 54.04
N VAL D 282 11.23 15.78 53.92
CA VAL D 282 11.76 16.19 52.62
C VAL D 282 11.91 14.96 51.72
N MET D 283 12.36 13.84 52.27
CA MET D 283 12.47 12.62 51.48
C MET D 283 11.12 12.16 50.97
N LEU D 284 10.09 12.22 51.82
CA LEU D 284 8.75 11.85 51.38
C LEU D 284 8.27 12.79 50.27
N VAL D 285 8.50 14.09 50.43
CA VAL D 285 8.05 15.05 49.42
C VAL D 285 8.76 14.79 48.09
N THR D 286 10.08 14.56 48.13
CA THR D 286 10.81 14.30 46.90
C THR D 286 10.42 12.98 46.27
N GLU D 287 10.12 11.96 47.08
CA GLU D 287 9.64 10.71 46.52
C GLU D 287 8.30 10.90 45.82
N VAL D 288 7.40 11.68 46.41
CA VAL D 288 6.13 11.96 45.78
C VAL D 288 6.34 12.72 44.47
N ILE D 289 7.24 13.71 44.49
CA ILE D 289 7.48 14.53 43.29
C ILE D 289 8.06 13.66 42.18
N ALA D 290 9.03 12.82 42.52
CA ALA D 290 9.70 12.02 41.50
C ALA D 290 8.73 11.06 40.81
N TYR D 291 7.86 10.43 41.59
CA TYR D 291 6.89 9.51 41.01
C TYR D 291 5.96 10.21 40.01
N SER D 292 5.80 11.52 40.11
CA SER D 292 5.00 12.27 39.15
C SER D 292 5.71 12.44 37.81
N HIS D 293 7.02 12.16 37.74
CA HIS D 293 7.74 12.29 36.48
C HIS D 293 7.18 11.35 35.42
N CYS D 294 6.68 10.18 35.82
CA CYS D 294 6.11 9.24 34.86
C CYS D 294 4.94 9.85 34.13
N CYS D 295 4.21 10.77 34.76
CA CYS D 295 3.05 11.38 34.14
C CYS D 295 3.44 12.39 33.06
N MET D 296 4.47 13.20 33.31
CA MET D 296 4.90 14.21 32.34
C MET D 296 5.76 13.64 31.23
N ASN D 297 6.29 12.43 31.39
CA ASN D 297 7.07 11.83 30.32
C ASN D 297 6.25 11.66 29.05
N PRO D 298 5.09 11.01 29.07
CA PRO D 298 4.30 10.91 27.83
C PRO D 298 3.95 12.26 27.25
N VAL D 299 3.59 13.23 28.10
CA VAL D 299 3.28 14.57 27.58
C VAL D 299 4.47 15.14 26.83
N ILE D 300 5.60 15.30 27.54
CA ILE D 300 6.75 15.99 26.97
C ILE D 300 7.30 15.26 25.75
N TYR D 301 7.14 13.94 25.68
CA TYR D 301 7.75 13.18 24.59
C TYR D 301 6.82 12.83 23.45
N ALA D 302 5.50 12.92 23.63
CA ALA D 302 4.56 12.57 22.58
C ALA D 302 3.60 13.71 22.26
N PHE D 303 3.02 14.36 23.28
CA PHE D 303 2.01 15.37 23.02
C PHE D 303 2.59 16.52 22.20
N VAL D 304 3.83 16.90 22.50
CA VAL D 304 4.50 17.94 21.72
C VAL D 304 4.78 17.39 20.33
N GLY D 305 4.43 18.17 19.31
CA GLY D 305 4.54 17.70 17.92
C GLY D 305 3.17 17.59 17.31
N GLU D 306 3.03 18.17 16.12
CA GLU D 306 1.74 18.21 15.44
C GLU D 306 1.22 16.81 15.09
N ARG D 307 2.12 15.84 14.91
CA ARG D 307 1.69 14.49 14.54
C ARG D 307 0.76 13.91 15.58
N PHE D 308 1.12 14.05 16.86
CA PHE D 308 0.31 13.43 17.91
C PHE D 308 -1.07 14.08 18.00
N ARG D 309 -1.14 15.41 17.90
CA ARG D 309 -2.46 16.04 17.92
C ARG D 309 -3.28 15.62 16.71
N LYS D 310 -2.63 15.52 15.54
CA LYS D 310 -3.36 15.06 14.35
C LYS D 310 -3.96 13.68 14.56
N TYR D 311 -3.14 12.74 15.04
CA TYR D 311 -3.61 11.37 15.22
C TYR D 311 -4.66 11.30 16.33
N LEU D 312 -4.48 12.06 17.40
CA LEU D 312 -5.45 12.06 18.49
C LEU D 312 -6.78 12.63 18.03
N ARG D 313 -6.75 13.69 17.24
CA ARG D 313 -7.99 14.25 16.69
C ARG D 313 -8.68 13.26 15.76
N HIS D 314 -7.89 12.56 14.93
CA HIS D 314 -8.49 11.53 14.08
C HIS D 314 -9.15 10.45 14.90
N PHE D 315 -8.47 9.98 15.95
CA PHE D 315 -9.06 8.94 16.80
C PHE D 315 -10.30 9.45 17.52
N PHE D 316 -10.29 10.71 17.96
CA PHE D 316 -11.45 11.28 18.64
C PHE D 316 -12.64 11.37 17.69
N HIS D 317 -12.40 11.78 16.44
CA HIS D 317 -13.47 11.81 15.45
C HIS D 317 -13.99 10.41 15.17
N ARG D 318 -13.09 9.42 15.10
CA ARG D 318 -13.52 8.04 14.91
C ARG D 318 -14.39 7.57 16.07
N HIS D 319 -13.99 7.88 17.30
CA HIS D 319 -14.78 7.50 18.47
C HIS D 319 -16.14 8.17 18.45
N LEU D 320 -16.19 9.46 18.11
CA LEU D 320 -17.47 10.15 18.00
C LEU D 320 -18.36 9.50 16.94
N LEU D 321 -17.77 9.11 15.81
CA LEU D 321 -18.54 8.43 14.78
C LEU D 321 -19.11 7.12 15.30
N MET D 322 -18.30 6.36 16.04
CA MET D 322 -18.79 5.11 16.62
C MET D 322 -19.65 5.39 17.85
N HIS D 323 -19.32 6.42 18.62
CA HIS D 323 -20.08 6.74 19.82
C HIS D 323 -21.34 7.52 19.45
N VAL E 1 11.38 -23.80 -21.37
CA VAL E 1 11.49 -24.55 -20.08
C VAL E 1 12.07 -25.94 -20.35
N GLN E 2 13.18 -26.24 -19.68
CA GLN E 2 13.83 -27.54 -19.83
C GLN E 2 14.39 -27.97 -18.49
N LEU E 3 14.16 -29.23 -18.13
CA LEU E 3 14.66 -29.81 -16.89
C LEU E 3 15.50 -31.04 -17.24
N VAL E 4 16.74 -31.06 -16.77
CA VAL E 4 17.67 -32.16 -17.01
C VAL E 4 18.22 -32.64 -15.68
N GLU E 5 18.19 -33.95 -15.47
CA GLU E 5 18.69 -34.57 -14.25
C GLU E 5 19.99 -35.29 -14.53
N SER E 6 20.77 -35.48 -13.46
CA SER E 6 22.07 -36.14 -13.56
C SER E 6 22.42 -36.75 -12.22
N GLY E 7 23.40 -37.65 -12.24
CA GLY E 7 23.85 -38.33 -11.05
C GLY E 7 23.47 -39.79 -10.94
N GLY E 8 23.00 -40.41 -12.02
CA GLY E 8 22.61 -41.80 -11.97
C GLY E 8 23.78 -42.75 -11.89
N GLY E 9 23.60 -43.97 -12.35
CA GLY E 9 24.63 -44.99 -12.33
C GLY E 9 24.42 -46.00 -11.22
N LEU E 10 25.29 -47.01 -11.22
CA LEU E 10 25.22 -48.07 -10.23
C LEU E 10 25.74 -47.58 -8.88
N VAL E 11 25.16 -48.11 -7.81
CA VAL E 11 25.56 -47.78 -6.45
C VAL E 11 25.31 -48.99 -5.57
N GLN E 12 26.28 -49.30 -4.71
CA GLN E 12 26.15 -50.44 -3.82
C GLN E 12 25.11 -50.12 -2.73
N PRO E 13 24.41 -51.14 -2.23
CA PRO E 13 23.43 -50.90 -1.17
C PRO E 13 24.10 -50.32 0.07
N GLY E 14 23.40 -49.41 0.74
CA GLY E 14 23.93 -48.75 1.91
C GLY E 14 24.87 -47.60 1.64
N GLY E 15 25.08 -47.25 0.38
CA GLY E 15 25.96 -46.15 0.04
C GLY E 15 25.25 -44.81 0.07
N SER E 16 25.80 -43.86 -0.68
CA SER E 16 25.24 -42.52 -0.76
C SER E 16 25.38 -41.99 -2.18
N ARG E 17 24.48 -41.08 -2.55
CA ARG E 17 24.49 -40.46 -3.86
C ARG E 17 23.80 -39.11 -3.75
N LYS E 18 24.25 -38.16 -4.56
CA LYS E 18 23.72 -36.80 -4.56
C LYS E 18 23.21 -36.49 -5.97
N LEU E 19 21.93 -36.79 -6.21
CA LEU E 19 21.32 -36.48 -7.49
C LEU E 19 21.18 -34.97 -7.65
N SER E 20 21.28 -34.51 -8.91
CA SER E 20 21.21 -33.09 -9.21
C SER E 20 20.36 -32.87 -10.45
N CYS E 21 19.76 -31.69 -10.53
CA CYS E 21 18.96 -31.28 -11.68
C CYS E 21 19.19 -29.80 -11.94
N SER E 22 19.18 -29.42 -13.21
CA SER E 22 19.40 -28.04 -13.63
C SER E 22 18.30 -27.62 -14.60
N ALA E 23 17.96 -26.33 -14.58
CA ALA E 23 16.93 -25.78 -15.45
C ALA E 23 17.43 -24.49 -16.08
N SER E 24 16.94 -24.23 -17.29
CA SER E 24 17.26 -23.00 -18.02
C SER E 24 15.97 -22.40 -18.55
N GLY E 25 15.93 -21.07 -18.61
CA GLY E 25 14.72 -20.39 -18.99
C GLY E 25 13.58 -20.76 -18.07
N PHE E 26 13.85 -20.75 -16.76
CA PHE E 26 12.96 -21.33 -15.78
C PHE E 26 13.06 -20.50 -14.50
N ALA E 27 11.93 -19.94 -14.07
CA ALA E 27 11.90 -19.12 -12.85
C ALA E 27 11.99 -20.02 -11.63
N PHE E 28 13.16 -20.62 -11.41
CA PHE E 28 13.32 -21.59 -10.33
C PHE E 28 13.02 -20.97 -8.97
N SER E 29 13.32 -19.68 -8.82
CA SER E 29 13.12 -19.04 -7.52
C SER E 29 11.66 -19.06 -7.10
N SER E 30 10.75 -18.76 -8.04
CA SER E 30 9.33 -18.70 -7.73
C SER E 30 8.60 -20.02 -7.95
N PHE E 31 9.29 -21.05 -8.42
CA PHE E 31 8.69 -22.34 -8.72
C PHE E 31 9.02 -23.35 -7.64
N GLY E 32 8.01 -24.16 -7.27
CA GLY E 32 8.25 -25.31 -6.42
C GLY E 32 8.72 -26.51 -7.22
N MET E 33 9.14 -27.54 -6.50
CA MET E 33 9.66 -28.75 -7.12
C MET E 33 9.15 -29.98 -6.39
N HIS E 34 8.97 -31.05 -7.15
CA HIS E 34 8.56 -32.35 -6.62
C HIS E 34 9.47 -33.42 -7.18
N TRP E 35 9.69 -34.47 -6.39
CA TRP E 35 10.43 -35.65 -6.82
C TRP E 35 9.53 -36.87 -6.74
N VAL E 36 9.43 -37.59 -7.85
CA VAL E 36 8.56 -38.75 -7.96
C VAL E 36 9.35 -39.90 -8.58
N ARG E 37 9.20 -41.09 -8.02
CA ARG E 37 9.88 -42.28 -8.50
C ARG E 37 9.07 -42.98 -9.59
N GLN E 38 9.77 -43.75 -10.42
CA GLN E 38 9.15 -44.57 -11.45
C GLN E 38 9.85 -45.91 -11.45
N ALA E 39 9.30 -46.88 -10.72
CA ALA E 39 9.93 -48.17 -10.58
C ALA E 39 9.83 -48.97 -11.87
N PRO E 40 10.66 -50.02 -12.02
CA PRO E 40 10.56 -50.85 -13.23
C PRO E 40 9.18 -51.46 -13.42
N GLU E 41 8.39 -51.60 -12.37
CA GLU E 41 7.02 -52.09 -12.46
C GLU E 41 6.06 -51.04 -13.01
N LYS E 42 6.57 -49.90 -13.47
CA LYS E 42 5.78 -48.81 -14.05
C LYS E 42 4.88 -48.13 -13.03
N GLY E 43 5.10 -48.36 -11.74
CA GLY E 43 4.31 -47.71 -10.71
C GLY E 43 4.95 -46.45 -10.18
N LEU E 44 4.34 -45.30 -10.47
CA LEU E 44 4.87 -44.03 -10.00
C LEU E 44 4.64 -43.86 -8.51
N GLU E 45 5.54 -43.11 -7.87
CA GLU E 45 5.45 -42.86 -6.44
C GLU E 45 6.02 -41.48 -6.15
N TRP E 46 5.58 -40.91 -5.03
CA TRP E 46 6.02 -39.58 -4.60
C TRP E 46 7.17 -39.70 -3.61
N VAL E 47 8.17 -38.84 -3.75
CA VAL E 47 9.39 -38.90 -2.96
C VAL E 47 9.45 -37.74 -1.96
N ALA E 48 9.49 -36.51 -2.46
CA ALA E 48 9.64 -35.35 -1.58
C ALA E 48 9.14 -34.11 -2.31
N TYR E 49 8.92 -33.05 -1.52
CA TYR E 49 8.46 -31.76 -2.04
C TYR E 49 9.17 -30.64 -1.30
N ILE E 50 9.62 -29.64 -2.05
CA ILE E 50 10.22 -28.44 -1.49
C ILE E 50 9.49 -27.23 -2.07
N SER E 51 9.01 -26.36 -1.19
CA SER E 51 8.28 -25.17 -1.61
C SER E 51 9.25 -24.06 -1.98
N SER E 52 8.70 -22.95 -2.47
CA SER E 52 9.53 -21.80 -2.83
C SER E 52 10.25 -21.26 -1.60
N GLY E 53 11.54 -21.01 -1.76
CA GLY E 53 12.33 -20.49 -0.66
C GLY E 53 12.62 -21.50 0.44
N SER E 54 12.38 -22.78 0.17
CA SER E 54 12.62 -23.84 1.16
C SER E 54 11.79 -23.61 2.43
N GLY E 55 10.64 -22.97 2.28
CA GLY E 55 9.80 -22.70 3.45
C GLY E 55 9.23 -23.96 4.06
N THR E 56 8.76 -24.88 3.22
CA THR E 56 8.15 -26.12 3.67
C THR E 56 8.75 -27.29 2.90
N ILE E 57 9.05 -28.38 3.62
CA ILE E 57 9.61 -29.59 3.03
C ILE E 57 8.84 -30.78 3.58
N TYR E 58 8.48 -31.70 2.70
CA TYR E 58 7.76 -32.91 3.07
C TYR E 58 8.41 -34.12 2.40
N TYR E 59 8.37 -35.24 3.10
CA TYR E 59 8.89 -36.50 2.60
C TYR E 59 7.88 -37.62 2.84
N ALA E 60 7.91 -38.62 1.98
CA ALA E 60 7.06 -39.79 2.17
C ALA E 60 7.60 -40.66 3.30
N ASP E 61 6.71 -41.43 3.91
CA ASP E 61 7.11 -42.30 5.01
C ASP E 61 8.17 -43.30 4.58
N THR E 62 8.21 -43.62 3.29
CA THR E 62 9.19 -44.58 2.77
C THR E 62 10.56 -43.97 2.52
N VAL E 63 10.69 -42.64 2.58
CA VAL E 63 11.95 -41.98 2.24
C VAL E 63 12.32 -40.95 3.29
N LYS E 64 11.69 -41.03 4.46
CA LYS E 64 11.92 -40.04 5.51
C LYS E 64 13.33 -40.15 6.08
N GLY E 65 13.94 -39.00 6.34
CA GLY E 65 15.28 -38.95 6.94
C GLY E 65 16.40 -39.30 6.00
N ARG E 66 16.26 -40.42 5.29
CA ARG E 66 17.26 -40.86 4.32
C ARG E 66 17.44 -39.87 3.17
N PHE E 67 16.42 -39.07 2.86
CA PHE E 67 16.45 -38.13 1.76
C PHE E 67 16.40 -36.71 2.31
N THR E 68 17.18 -35.82 1.69
CA THR E 68 17.23 -34.42 2.09
C THR E 68 17.16 -33.57 0.83
N ILE E 69 16.00 -32.99 0.56
CA ILE E 69 15.79 -32.17 -0.63
C ILE E 69 16.30 -30.77 -0.34
N SER E 70 17.16 -30.27 -1.22
CA SER E 70 17.72 -28.93 -1.10
C SER E 70 17.71 -28.27 -2.46
N ARG E 71 17.65 -26.94 -2.45
CA ARG E 71 17.62 -26.15 -3.68
C ARG E 71 18.57 -24.98 -3.55
N ASP E 72 19.09 -24.51 -4.70
CA ASP E 72 20.01 -23.39 -4.77
C ASP E 72 19.48 -22.44 -5.84
N ASP E 73 18.73 -21.42 -5.40
CA ASP E 73 18.11 -20.50 -6.35
C ASP E 73 19.14 -19.81 -7.24
N PRO E 74 20.28 -19.30 -6.74
CA PRO E 74 21.25 -18.68 -7.64
C PRO E 74 21.72 -19.60 -8.75
N LYS E 75 21.90 -20.89 -8.45
CA LYS E 75 22.32 -21.86 -9.45
C LYS E 75 21.16 -22.45 -10.25
N ASN E 76 19.92 -22.22 -9.83
CA ASN E 76 18.75 -22.78 -10.50
C ASN E 76 18.86 -24.29 -10.59
N THR E 77 19.31 -24.92 -9.50
CA THR E 77 19.50 -26.36 -9.45
C THR E 77 18.79 -26.94 -8.23
N LEU E 78 18.39 -28.20 -8.35
CA LEU E 78 17.71 -28.93 -7.29
C LEU E 78 18.51 -30.18 -6.97
N PHE E 79 18.66 -30.48 -5.68
CA PHE E 79 19.53 -31.55 -5.22
C PHE E 79 18.78 -32.50 -4.31
N LEU E 80 19.23 -33.75 -4.28
CA LEU E 80 18.74 -34.76 -3.35
C LEU E 80 19.93 -35.45 -2.72
N GLN E 81 19.98 -35.49 -1.39
CA GLN E 81 21.01 -36.21 -0.67
C GLN E 81 20.46 -37.59 -0.31
N MET E 82 20.97 -38.62 -0.98
CA MET E 82 20.47 -39.99 -0.81
C MET E 82 21.46 -40.80 0.01
N THR E 83 20.95 -41.50 1.02
CA THR E 83 21.78 -42.33 1.90
C THR E 83 21.03 -43.61 2.22
N SER E 84 21.81 -44.65 2.54
CA SER E 84 21.26 -45.95 2.91
C SER E 84 20.40 -46.52 1.80
N LEU E 85 21.02 -46.73 0.64
CA LEU E 85 20.30 -47.27 -0.52
C LEU E 85 19.95 -48.73 -0.29
N ARG E 86 18.81 -49.15 -0.82
CA ARG E 86 18.42 -50.55 -0.81
C ARG E 86 18.00 -50.99 -2.21
N SER E 87 17.61 -52.26 -2.31
CA SER E 87 17.20 -52.80 -3.59
C SER E 87 15.93 -52.13 -4.11
N GLU E 88 14.97 -51.87 -3.21
CA GLU E 88 13.69 -51.29 -3.63
C GLU E 88 13.84 -49.86 -4.15
N ASP E 89 14.94 -49.18 -3.81
CA ASP E 89 15.11 -47.79 -4.24
C ASP E 89 15.47 -47.68 -5.72
N THR E 90 15.75 -48.79 -6.40
CA THR E 90 16.05 -48.76 -7.82
C THR E 90 14.83 -48.30 -8.59
N ALA E 91 14.86 -47.08 -9.10
CA ALA E 91 13.74 -46.54 -9.86
C ALA E 91 14.16 -45.23 -10.50
N MET E 92 13.55 -44.92 -11.65
CA MET E 92 13.82 -43.66 -12.33
C MET E 92 13.28 -42.50 -11.52
N TYR E 93 14.05 -41.41 -11.48
CA TYR E 93 13.70 -40.23 -10.69
C TYR E 93 13.36 -39.08 -11.61
N TYR E 94 12.24 -38.42 -11.34
CA TYR E 94 11.74 -37.31 -12.13
C TYR E 94 11.64 -36.05 -11.28
N CYS E 95 12.02 -34.92 -11.86
CA CYS E 95 11.83 -33.62 -11.24
C CYS E 95 10.65 -32.91 -11.90
N VAL E 96 9.68 -32.50 -11.10
CA VAL E 96 8.44 -31.94 -11.59
C VAL E 96 8.23 -30.56 -10.98
N ARG E 97 7.96 -29.57 -11.83
CA ARG E 97 7.65 -28.24 -11.34
C ARG E 97 6.24 -28.20 -10.76
N SER E 98 5.97 -27.17 -9.97
CA SER E 98 4.66 -26.99 -9.39
C SER E 98 4.51 -25.57 -8.88
N ILE E 99 3.34 -24.98 -9.13
CA ILE E 99 3.00 -23.64 -8.66
C ILE E 99 1.57 -23.68 -8.13
N TYR E 100 1.34 -23.02 -7.00
CA TYR E 100 0.07 -23.09 -6.29
C TYR E 100 -0.53 -21.69 -6.16
N TYR E 101 -1.57 -21.43 -6.95
CA TYR E 101 -2.35 -20.21 -6.82
C TYR E 101 -3.63 -20.40 -7.64
N TYR E 102 -4.57 -19.48 -7.45
CA TYR E 102 -5.86 -19.59 -8.13
C TYR E 102 -5.66 -19.66 -9.64
N GLY E 103 -6.31 -20.62 -10.28
CA GLY E 103 -6.16 -20.82 -11.70
C GLY E 103 -4.87 -21.49 -12.11
N SER E 104 -4.11 -22.04 -11.17
CA SER E 104 -2.83 -22.63 -11.46
C SER E 104 -2.97 -24.02 -12.07
N SER E 105 -1.91 -24.46 -12.74
CA SER E 105 -1.84 -25.79 -13.36
C SER E 105 -0.53 -26.43 -12.94
N PRO E 106 -0.44 -26.93 -11.72
CA PRO E 106 0.81 -27.53 -11.25
C PRO E 106 1.09 -28.86 -11.95
N PHE E 107 2.34 -29.31 -11.82
CA PHE E 107 2.81 -30.53 -12.48
C PHE E 107 2.64 -30.45 -13.99
N ASP E 108 2.87 -29.26 -14.57
CA ASP E 108 2.66 -29.06 -16.00
C ASP E 108 3.87 -29.47 -16.84
N PHE E 109 5.02 -29.74 -16.23
CA PHE E 109 6.19 -30.17 -16.96
C PHE E 109 6.95 -31.21 -16.15
N TRP E 110 7.44 -32.24 -16.81
CA TRP E 110 8.20 -33.32 -16.20
C TRP E 110 9.54 -33.44 -16.90
N GLY E 111 10.60 -33.64 -16.11
CA GLY E 111 11.93 -33.74 -16.66
C GLY E 111 12.20 -35.09 -17.30
N GLN E 112 13.33 -35.17 -18.00
CA GLN E 112 13.70 -36.43 -18.65
C GLN E 112 13.98 -37.52 -17.63
N GLY E 113 14.51 -37.15 -16.46
CA GLY E 113 14.75 -38.10 -15.40
C GLY E 113 16.09 -38.80 -15.53
N THR E 114 16.45 -39.52 -14.47
CA THR E 114 17.69 -40.27 -14.40
C THR E 114 17.43 -41.64 -13.81
N THR E 115 18.28 -42.59 -14.17
CA THR E 115 18.15 -43.98 -13.73
C THR E 115 19.19 -44.28 -12.67
N LEU E 116 18.74 -44.79 -11.52
CA LEU E 116 19.63 -45.21 -10.44
C LEU E 116 19.37 -46.69 -10.16
N THR E 117 20.43 -47.49 -10.21
CA THR E 117 20.34 -48.93 -10.01
C THR E 117 21.14 -49.31 -8.77
N VAL E 118 20.54 -50.13 -7.92
CA VAL E 118 21.18 -50.61 -6.69
C VAL E 118 21.52 -52.08 -6.87
N SER E 119 22.78 -52.43 -6.67
CA SER E 119 23.22 -53.81 -6.86
C SER E 119 22.58 -54.72 -5.82
N ILE E 138 -4.49 -41.76 1.12
CA ILE E 138 -5.57 -42.06 0.19
C ILE E 138 -5.10 -43.08 -0.82
N VAL E 139 -5.89 -44.13 -1.03
CA VAL E 139 -5.56 -45.21 -1.95
C VAL E 139 -6.33 -45.03 -3.24
N MET E 140 -5.62 -45.15 -4.37
CA MET E 140 -6.21 -45.02 -5.69
C MET E 140 -6.20 -46.38 -6.38
N THR E 141 -7.31 -46.74 -7.00
CA THR E 141 -7.46 -48.03 -7.67
C THR E 141 -8.05 -47.81 -9.05
N GLN E 142 -7.64 -48.65 -10.00
CA GLN E 142 -8.12 -48.61 -11.37
C GLN E 142 -8.80 -49.94 -11.69
N ALA E 143 -10.04 -49.87 -12.17
CA ALA E 143 -10.79 -51.09 -12.46
C ALA E 143 -10.16 -51.89 -13.58
N THR E 144 -9.70 -51.23 -14.64
CA THR E 144 -9.16 -51.89 -15.82
C THR E 144 -7.65 -51.71 -15.86
N SER E 145 -6.92 -52.83 -15.87
CA SER E 145 -5.48 -52.76 -16.03
C SER E 145 -5.10 -52.27 -17.42
N SER E 146 -5.83 -52.71 -18.44
CA SER E 146 -5.58 -52.27 -19.81
C SER E 146 -6.89 -52.31 -20.58
N VAL E 147 -6.94 -51.55 -21.66
CA VAL E 147 -8.15 -51.45 -22.48
C VAL E 147 -7.74 -51.34 -23.95
N PRO E 148 -8.02 -52.33 -24.79
CA PRO E 148 -7.68 -52.20 -26.22
C PRO E 148 -8.48 -51.09 -26.88
N VAL E 149 -7.86 -50.41 -27.83
CA VAL E 149 -8.47 -49.29 -28.52
C VAL E 149 -7.90 -49.21 -29.93
N THR E 150 -8.61 -48.51 -30.81
CA THR E 150 -8.22 -48.30 -32.19
C THR E 150 -8.35 -46.82 -32.54
N PRO E 151 -7.61 -46.36 -33.55
CA PRO E 151 -7.73 -44.94 -33.93
C PRO E 151 -9.17 -44.56 -34.25
N GLY E 152 -9.55 -43.37 -33.79
CA GLY E 152 -10.88 -42.86 -34.05
C GLY E 152 -11.95 -43.36 -33.10
N GLU E 153 -11.60 -44.24 -32.16
CA GLU E 153 -12.57 -44.79 -31.22
C GLU E 153 -12.64 -43.94 -29.96
N SER E 154 -13.79 -43.97 -29.31
CA SER E 154 -14.01 -43.25 -28.06
C SER E 154 -13.79 -44.19 -26.89
N VAL E 155 -12.99 -43.75 -25.92
CA VAL E 155 -12.63 -44.56 -24.77
C VAL E 155 -12.92 -43.79 -23.51
N SER E 156 -13.48 -44.49 -22.52
CA SER E 156 -13.79 -43.92 -21.21
C SER E 156 -13.09 -44.73 -20.14
N ILE E 157 -12.39 -44.04 -19.24
CA ILE E 157 -11.65 -44.67 -18.15
C ILE E 157 -12.07 -44.03 -16.84
N SER E 158 -12.21 -44.85 -15.81
CA SER E 158 -12.65 -44.39 -14.49
C SER E 158 -11.68 -44.89 -13.43
N CYS E 159 -11.65 -44.18 -12.31
CA CYS E 159 -10.81 -44.55 -11.18
C CYS E 159 -11.57 -44.26 -9.89
N ARG E 160 -11.15 -44.92 -8.81
CA ARG E 160 -11.79 -44.81 -7.52
C ARG E 160 -10.78 -44.37 -6.46
N SER E 161 -11.28 -43.69 -5.43
CA SER E 161 -10.46 -43.19 -4.35
C SER E 161 -11.04 -43.64 -3.01
N SER E 162 -10.17 -43.72 -2.00
CA SER E 162 -10.57 -44.15 -0.67
C SER E 162 -11.22 -43.04 0.15
N LYS E 163 -11.25 -41.81 -0.37
CA LYS E 163 -11.85 -40.70 0.35
C LYS E 163 -12.48 -39.75 -0.65
N SER E 164 -13.47 -39.00 -0.18
CA SER E 164 -14.13 -37.99 -1.02
C SER E 164 -13.20 -36.81 -1.21
N LEU E 165 -12.76 -36.58 -2.44
CA LEU E 165 -11.82 -35.51 -2.74
C LEU E 165 -12.50 -34.17 -2.97
N LEU E 166 -13.82 -34.10 -2.92
CA LEU E 166 -14.55 -32.85 -3.11
C LEU E 166 -14.43 -32.02 -1.84
N HIS E 167 -13.40 -31.20 -1.77
CA HIS E 167 -13.17 -30.36 -0.60
C HIS E 167 -14.23 -29.26 -0.55
N SER E 168 -14.38 -28.68 0.65
CA SER E 168 -15.34 -27.61 0.85
C SER E 168 -15.06 -26.42 -0.05
N ASN E 169 -13.82 -26.25 -0.51
CA ASN E 169 -13.47 -25.15 -1.40
C ASN E 169 -14.11 -25.28 -2.77
N GLY E 170 -14.66 -26.45 -3.10
CA GLY E 170 -15.28 -26.65 -4.39
C GLY E 170 -14.38 -27.19 -5.48
N ASN E 171 -13.26 -27.81 -5.11
CA ASN E 171 -12.33 -28.36 -6.08
C ASN E 171 -12.18 -29.86 -5.85
N THR E 172 -12.21 -30.63 -6.94
CA THR E 172 -12.09 -32.08 -6.86
C THR E 172 -10.64 -32.55 -6.71
N TYR E 173 -9.67 -31.68 -6.98
CA TYR E 173 -8.25 -32.02 -6.81
C TYR E 173 -7.90 -33.32 -7.52
N LEU E 174 -8.30 -33.41 -8.79
CA LEU E 174 -8.02 -34.57 -9.63
C LEU E 174 -7.07 -34.18 -10.75
N TYR E 175 -5.96 -34.92 -10.86
CA TYR E 175 -4.96 -34.68 -11.89
C TYR E 175 -4.85 -35.92 -12.77
N TRP E 176 -4.73 -35.70 -14.08
CA TRP E 176 -4.57 -36.79 -15.04
C TRP E 176 -3.30 -36.57 -15.84
N PHE E 177 -2.56 -37.66 -16.09
CA PHE E 177 -1.32 -37.59 -16.83
C PHE E 177 -1.27 -38.71 -17.87
N LEU E 178 -0.49 -38.47 -18.92
CA LEU E 178 -0.20 -39.44 -19.96
C LEU E 178 1.31 -39.62 -20.07
N GLN E 179 1.77 -40.86 -20.01
CA GLN E 179 3.19 -41.19 -20.08
C GLN E 179 3.40 -42.02 -21.35
N ARG E 180 3.72 -41.34 -22.43
CA ARG E 180 3.98 -42.04 -23.69
C ARG E 180 5.26 -42.86 -23.57
N PRO E 181 5.38 -43.95 -24.32
CA PRO E 181 6.55 -44.83 -24.18
C PRO E 181 7.85 -44.08 -24.45
N GLY E 182 8.75 -44.12 -23.46
CA GLY E 182 10.03 -43.46 -23.58
C GLY E 182 10.03 -41.98 -23.29
N GLN E 183 8.88 -41.40 -22.97
CA GLN E 183 8.76 -39.97 -22.72
C GLN E 183 8.19 -39.74 -21.32
N SER E 184 8.49 -38.56 -20.77
CA SER E 184 8.04 -38.22 -19.43
C SER E 184 6.53 -37.98 -19.42
N PRO E 185 5.89 -38.16 -18.26
CA PRO E 185 4.45 -37.91 -18.18
C PRO E 185 4.10 -36.47 -18.50
N GLN E 186 2.91 -36.27 -19.08
CA GLN E 186 2.41 -34.96 -19.46
C GLN E 186 1.06 -34.73 -18.79
N LEU E 187 0.87 -33.52 -18.28
CA LEU E 187 -0.36 -33.20 -17.56
C LEU E 187 -1.54 -33.08 -18.53
N LEU E 188 -2.71 -33.51 -18.07
CA LEU E 188 -3.94 -33.45 -18.86
C LEU E 188 -5.00 -32.57 -18.22
N ILE E 189 -5.31 -32.78 -16.93
CA ILE E 189 -6.37 -32.07 -16.25
C ILE E 189 -5.83 -31.53 -14.94
N TYR E 190 -6.45 -30.45 -14.44
CA TYR E 190 -6.03 -29.85 -13.18
C TYR E 190 -7.24 -29.40 -12.37
N ARG E 191 -7.56 -30.21 -11.35
CA ARG E 191 -8.41 -29.88 -10.22
C ARG E 191 -9.91 -29.84 -10.48
N MET E 192 -10.34 -29.71 -11.75
CA MET E 192 -11.72 -30.05 -12.10
C MET E 192 -11.90 -30.11 -13.60
N SER E 193 -11.81 -31.31 -14.20
CA SER E 193 -12.22 -31.49 -15.58
C SER E 193 -11.60 -30.46 -16.52
N ASN E 194 -10.60 -29.72 -16.03
CA ASN E 194 -10.11 -28.54 -16.74
C ASN E 194 -9.00 -28.92 -17.72
N LEU E 195 -9.16 -28.50 -18.96
CA LEU E 195 -8.20 -28.85 -20.00
C LEU E 195 -6.86 -28.20 -19.72
N ALA E 196 -5.79 -29.00 -19.83
CA ALA E 196 -4.45 -28.48 -19.66
C ALA E 196 -4.02 -27.68 -20.89
N SER E 197 -2.92 -26.96 -20.76
CA SER E 197 -2.38 -26.14 -21.84
C SER E 197 -1.55 -27.00 -22.78
N GLY E 198 -1.71 -26.76 -24.08
CA GLY E 198 -0.93 -27.44 -25.09
C GLY E 198 -1.49 -28.76 -25.56
N VAL E 199 -2.63 -29.20 -25.03
CA VAL E 199 -3.23 -30.47 -25.42
C VAL E 199 -4.52 -30.19 -26.19
N PRO E 200 -4.95 -31.07 -27.10
CA PRO E 200 -6.18 -30.82 -27.85
C PRO E 200 -7.41 -30.78 -26.95
N ASP E 201 -8.54 -30.47 -27.56
CA ASP E 201 -9.81 -30.35 -26.84
C ASP E 201 -10.56 -31.67 -26.72
N ARG E 202 -10.05 -32.75 -27.30
CA ARG E 202 -10.74 -34.03 -27.25
C ARG E 202 -10.71 -34.66 -25.86
N PHE E 203 -9.90 -34.14 -24.94
CA PHE E 203 -9.79 -34.70 -23.60
C PHE E 203 -10.76 -34.00 -22.66
N SER E 204 -11.53 -34.79 -21.91
CA SER E 204 -12.48 -34.26 -20.95
C SER E 204 -12.61 -35.23 -19.79
N GLY E 205 -13.06 -34.72 -18.65
CA GLY E 205 -13.20 -35.53 -17.46
C GLY E 205 -14.39 -35.09 -16.63
N SER E 206 -14.76 -35.95 -15.69
CA SER E 206 -15.88 -35.67 -14.80
C SER E 206 -15.73 -36.52 -13.54
N GLY E 207 -16.49 -36.16 -12.52
CA GLY E 207 -16.46 -36.91 -11.28
C GLY E 207 -17.55 -36.42 -10.33
N SER E 208 -17.73 -37.18 -9.25
CA SER E 208 -18.72 -36.86 -8.23
C SER E 208 -18.13 -36.68 -6.84
N GLY E 209 -16.85 -36.94 -6.65
CA GLY E 209 -16.23 -36.82 -5.35
C GLY E 209 -15.44 -38.06 -4.97
N THR E 210 -15.97 -39.24 -5.34
CA THR E 210 -15.29 -40.50 -5.11
C THR E 210 -15.15 -41.36 -6.36
N ALA E 211 -15.99 -41.17 -7.37
CA ALA E 211 -15.87 -41.87 -8.64
C ALA E 211 -15.51 -40.87 -9.72
N PHE E 212 -14.34 -41.03 -10.33
CA PHE E 212 -13.81 -40.11 -11.31
C PHE E 212 -13.73 -40.80 -12.67
N THR E 213 -13.94 -40.02 -13.73
CA THR E 213 -13.93 -40.55 -15.09
C THR E 213 -13.17 -39.60 -16.01
N LEU E 214 -12.51 -40.18 -17.01
CA LEU E 214 -11.81 -39.43 -18.05
C LEU E 214 -12.23 -40.00 -19.39
N THR E 215 -12.53 -39.13 -20.35
CA THR E 215 -13.06 -39.54 -21.64
C THR E 215 -12.29 -38.82 -22.76
N ILE E 216 -12.17 -39.51 -23.90
CA ILE E 216 -11.55 -38.97 -25.10
C ILE E 216 -12.52 -39.14 -26.25
N SER E 217 -12.80 -38.05 -26.96
CA SER E 217 -13.79 -38.09 -28.03
C SER E 217 -13.29 -38.85 -29.24
N ARG E 218 -12.06 -38.61 -29.67
CA ARG E 218 -11.50 -39.25 -30.86
C ARG E 218 -10.03 -39.57 -30.58
N LEU E 219 -9.70 -40.86 -30.59
CA LEU E 219 -8.34 -41.30 -30.32
C LEU E 219 -7.46 -41.11 -31.55
N GLU E 220 -6.23 -40.67 -31.31
CA GLU E 220 -5.24 -40.47 -32.35
C GLU E 220 -3.99 -41.28 -32.01
N ALA E 221 -3.05 -41.32 -32.95
CA ALA E 221 -1.83 -42.11 -32.75
C ALA E 221 -1.02 -41.58 -31.58
N GLU E 222 -1.13 -40.29 -31.28
CA GLU E 222 -0.36 -39.70 -30.19
C GLU E 222 -0.99 -39.95 -28.81
N ASP E 223 -2.19 -40.50 -28.76
CA ASP E 223 -2.88 -40.78 -27.51
C ASP E 223 -2.63 -42.19 -26.98
N VAL E 224 -1.51 -42.79 -27.35
CA VAL E 224 -1.16 -44.15 -26.93
C VAL E 224 -0.19 -44.06 -25.77
N GLY E 225 -0.54 -44.71 -24.66
CA GLY E 225 0.31 -44.67 -23.48
C GLY E 225 -0.47 -45.14 -22.25
N VAL E 226 0.05 -44.77 -21.09
CA VAL E 226 -0.53 -45.14 -19.81
C VAL E 226 -1.10 -43.89 -19.15
N TYR E 227 -2.35 -43.97 -18.72
CA TYR E 227 -3.02 -42.87 -18.05
C TYR E 227 -2.87 -43.03 -16.54
N TYR E 228 -2.48 -41.96 -15.86
CA TYR E 228 -2.17 -41.97 -14.44
C TYR E 228 -3.05 -40.97 -13.71
N CYS E 229 -3.52 -41.36 -12.53
CA CYS E 229 -4.36 -40.53 -11.69
C CYS E 229 -3.67 -40.35 -10.33
N MET E 230 -3.71 -39.12 -9.82
CA MET E 230 -3.05 -38.78 -8.57
C MET E 230 -3.90 -37.77 -7.82
N GLN E 231 -3.95 -37.91 -6.49
CA GLN E 231 -4.73 -37.01 -5.66
C GLN E 231 -3.84 -35.92 -5.07
N HIS E 232 -4.47 -34.82 -4.67
CA HIS E 232 -3.77 -33.70 -4.07
C HIS E 232 -4.52 -33.13 -2.88
N LEU E 233 -5.37 -33.95 -2.24
CA LEU E 233 -6.14 -33.47 -1.10
C LEU E 233 -5.29 -33.38 0.16
N GLU E 234 -4.32 -34.29 0.33
CA GLU E 234 -3.47 -34.28 1.50
C GLU E 234 -2.23 -35.12 1.23
N TYR E 235 -1.11 -34.70 1.83
CA TYR E 235 0.13 -35.45 1.68
C TYR E 235 0.09 -36.72 2.52
N PRO E 236 0.84 -37.76 2.14
CA PRO E 236 1.69 -37.83 0.93
C PRO E 236 0.86 -37.99 -0.34
N LEU E 237 1.41 -37.54 -1.47
CA LEU E 237 0.71 -37.66 -2.74
C LEU E 237 0.78 -39.11 -3.21
N THR E 238 -0.37 -39.78 -3.24
CA THR E 238 -0.46 -41.18 -3.65
C THR E 238 -0.82 -41.25 -5.13
N PHE E 239 -0.10 -42.07 -5.88
CA PHE E 239 -0.25 -42.14 -7.31
C PHE E 239 -0.95 -43.44 -7.70
N GLY E 240 -1.77 -43.38 -8.76
CA GLY E 240 -2.52 -44.54 -9.17
C GLY E 240 -1.66 -45.59 -9.86
N ALA E 241 -2.21 -46.81 -9.96
CA ALA E 241 -1.51 -47.89 -10.63
C ALA E 241 -1.32 -47.61 -12.11
N GLY E 242 -2.33 -47.04 -12.75
CA GLY E 242 -2.24 -46.72 -14.17
C GLY E 242 -2.86 -47.79 -15.05
N THR E 243 -3.42 -47.33 -16.17
CA THR E 243 -4.04 -48.20 -17.17
C THR E 243 -3.35 -48.00 -18.50
N LYS E 244 -2.92 -49.11 -19.11
CA LYS E 244 -2.24 -49.07 -20.39
C LYS E 244 -3.24 -49.18 -21.54
N LEU E 245 -3.04 -48.34 -22.56
CA LEU E 245 -3.90 -48.32 -23.74
C LEU E 245 -3.15 -48.99 -24.88
N GLU E 246 -3.77 -50.01 -25.48
CA GLU E 246 -3.16 -50.80 -26.53
C GLU E 246 -3.88 -50.54 -27.85
N LEU E 247 -3.11 -50.31 -28.91
CA LEU E 247 -3.68 -50.06 -30.22
C LEU E 247 -4.40 -51.30 -30.75
#